data_8TJI
#
_entry.id   8TJI
#
_cell.length_a   61.950
_cell.length_b   71.610
_cell.length_c   145.000
_cell.angle_alpha   90.000
_cell.angle_beta   90.000
_cell.angle_gamma   90.000
#
_symmetry.space_group_name_H-M   'P 21 21 21'
#
loop_
_entity.id
_entity.type
_entity.pdbx_description
1 polymer RedM
2 non-polymer 'SULFATE ION'
3 non-polymer 1,2-ETHANEDIOL
4 non-polymer 'CHLORIDE ION'
5 water water
#
_entity_poly.entity_id   1
_entity_poly.type   'polypeptide(L)'
_entity_poly.pdbx_seq_one_letter_code
;MSDTSPGPEHAPAIDRLLQIATGFMASKVLLVAASLGLFTELAAGPLRGEELRARLRLHPRSARDFFDTLVALGVLERTN
GAYANTPATAQYLVRGKSAYLGGLLEMSDARMYELWGRLDEGLRTGNPQNEIRTGEEGIYATLYDDPDRLDAFQQAMTGL
SMRSAHALAEAIDWSAYRTVADIGCAEGTVLIHLLERHPHLRGTGFDLAAVRPSFQRRHEESGLGDRLAFRAGDFFAEPL
PQADALVFGHILSNWALPKAKTLLRKAHEALPEGGIVVIYETLIDDERRENVPGLLMSLTMLLETPGGFEYTGADCREWL
ADAGFRESRVQYLAGPESMVIATK
;
_entity_poly.pdbx_strand_id   A,B
#
loop_
_chem_comp.id
_chem_comp.type
_chem_comp.name
_chem_comp.formula
CL non-polymer 'CHLORIDE ION' 'Cl -1'
EDO non-polymer 1,2-ETHANEDIOL 'C2 H6 O2'
SO4 non-polymer 'SULFATE ION' 'O4 S -2'
#
# COMPACT_ATOMS: atom_id res chain seq x y z
N PRO A 12 -6.22 17.82 -4.15
CA PRO A 12 -5.60 17.83 -5.48
C PRO A 12 -5.04 16.47 -5.88
N ALA A 13 -4.65 16.33 -7.14
CA ALA A 13 -4.23 15.03 -7.66
C ALA A 13 -2.96 14.54 -6.98
N ILE A 14 -2.03 15.45 -6.65
CA ILE A 14 -0.77 15.02 -6.05
C ILE A 14 -1.02 14.36 -4.70
N ASP A 15 -2.00 14.85 -3.94
CA ASP A 15 -2.31 14.23 -2.65
C ASP A 15 -2.80 12.80 -2.84
N ARG A 16 -3.69 12.58 -3.81
CA ARG A 16 -4.16 11.23 -4.08
C ARG A 16 -3.01 10.34 -4.54
N LEU A 17 -2.14 10.85 -5.41
CA LEU A 17 -0.98 10.10 -5.87
C LEU A 17 -0.10 9.70 -4.69
N LEU A 18 0.17 10.64 -3.77
CA LEU A 18 1.00 10.31 -2.63
C LEU A 18 0.33 9.26 -1.73
N GLN A 19 -1.00 9.32 -1.63
CA GLN A 19 -1.71 8.33 -0.82
C GLN A 19 -1.57 6.93 -1.39
N ILE A 20 -1.69 6.79 -2.72
CA ILE A 20 -1.46 5.51 -3.36
C ILE A 20 -0.02 5.06 -3.13
N ALA A 21 0.93 5.97 -3.31
CA ALA A 21 2.34 5.62 -3.23
C ALA A 21 2.73 5.13 -1.84
N THR A 22 2.13 5.69 -0.79
CA THR A 22 2.44 5.28 0.57
C THR A 22 1.45 4.25 1.10
N GLY A 23 0.62 3.68 0.22
CA GLY A 23 -0.38 2.71 0.63
C GLY A 23 0.18 1.42 1.19
N PHE A 24 1.47 1.17 1.04
CA PHE A 24 2.05 -0.04 1.62
C PHE A 24 1.96 -0.05 3.13
N MET A 25 1.83 1.11 3.77
CA MET A 25 1.82 1.17 5.23
C MET A 25 0.49 0.65 5.79
N ALA A 26 -0.62 1.26 5.38
CA ALA A 26 -1.92 0.76 5.82
C ALA A 26 -2.13 -0.67 5.36
N SER A 27 -1.59 -1.03 4.20
CA SER A 27 -1.66 -2.41 3.75
C SER A 27 -1.02 -3.36 4.77
N LYS A 28 0.21 -3.08 5.20
CA LYS A 28 0.88 -3.96 6.16
C LYS A 28 0.15 -4.01 7.48
N VAL A 29 -0.46 -2.90 7.91
CA VAL A 29 -1.23 -2.94 9.15
C VAL A 29 -2.32 -4.00 9.06
N LEU A 30 -3.07 -4.01 7.96
CA LEU A 30 -4.14 -5.00 7.77
C LEU A 30 -3.57 -6.40 7.57
N LEU A 31 -2.47 -6.51 6.81
CA LEU A 31 -1.90 -7.83 6.55
C LEU A 31 -1.41 -8.49 7.84
N VAL A 32 -0.75 -7.70 8.69
CA VAL A 32 -0.26 -8.24 9.96
C VAL A 32 -1.41 -8.60 10.88
N ALA A 33 -2.47 -7.78 10.90
CA ALA A 33 -3.65 -8.13 11.67
C ALA A 33 -4.21 -9.48 11.24
N ALA A 34 -4.26 -9.73 9.92
CA ALA A 34 -4.74 -11.02 9.43
C ALA A 34 -3.79 -12.15 9.83
N SER A 35 -2.48 -11.94 9.70
CA SER A 35 -1.52 -12.98 10.05
C SER A 35 -1.54 -13.31 11.55
N LEU A 36 -1.82 -12.32 12.38
CA LEU A 36 -1.97 -12.54 13.81
C LEU A 36 -3.28 -13.19 14.19
N GLY A 37 -4.24 -13.29 13.25
CA GLY A 37 -5.57 -13.77 13.59
C GLY A 37 -6.33 -12.85 14.52
N LEU A 38 -6.07 -11.54 14.42
CA LEU A 38 -6.64 -10.59 15.36
C LEU A 38 -8.17 -10.63 15.35
N PHE A 39 -8.76 -10.66 14.16
CA PHE A 39 -10.21 -10.62 14.08
C PHE A 39 -10.82 -11.90 14.61
N THR A 40 -10.10 -13.02 14.49
CA THR A 40 -10.55 -14.26 15.10
C THR A 40 -10.52 -14.19 16.62
N GLU A 41 -9.54 -13.48 17.19
CA GLU A 41 -9.49 -13.35 18.64
C GLU A 41 -10.68 -12.56 19.18
N LEU A 42 -11.24 -11.66 18.38
CA LEU A 42 -12.39 -10.86 18.77
C LEU A 42 -13.72 -11.50 18.42
N ALA A 43 -13.71 -12.72 17.87
CA ALA A 43 -14.94 -13.32 17.35
C ALA A 43 -15.93 -13.60 18.47
N ALA A 44 -15.45 -14.00 19.65
CA ALA A 44 -16.34 -14.34 20.75
C ALA A 44 -16.87 -13.11 21.48
N GLY A 45 -16.34 -11.93 21.19
CA GLY A 45 -16.80 -10.72 21.84
C GLY A 45 -15.68 -9.70 22.00
N PRO A 46 -16.04 -8.48 22.40
CA PRO A 46 -15.03 -7.42 22.50
C PRO A 46 -13.98 -7.73 23.56
N LEU A 47 -12.80 -7.16 23.38
CA LEU A 47 -11.69 -7.33 24.31
C LEU A 47 -11.02 -5.99 24.60
N ARG A 48 -10.64 -5.80 25.86
CA ARG A 48 -9.84 -4.62 26.18
C ARG A 48 -8.45 -4.75 25.54
N GLY A 49 -7.80 -3.61 25.34
CA GLY A 49 -6.53 -3.60 24.62
C GLY A 49 -5.46 -4.44 25.29
N GLU A 50 -5.38 -4.39 26.62
CA GLU A 50 -4.40 -5.21 27.32
C GLU A 50 -4.67 -6.69 27.10
N GLU A 51 -5.95 -7.10 27.18
CA GLU A 51 -6.27 -8.51 26.94
C GLU A 51 -5.96 -8.90 25.50
N LEU A 52 -6.26 -8.02 24.55
CA LEU A 52 -5.97 -8.34 23.15
C LEU A 52 -4.47 -8.40 22.93
N ARG A 53 -3.72 -7.47 23.54
CA ARG A 53 -2.27 -7.49 23.42
C ARG A 53 -1.69 -8.77 24.00
N ALA A 54 -2.18 -9.15 25.18
CA ALA A 54 -1.68 -10.36 25.82
C ALA A 54 -1.97 -11.60 24.99
N ARG A 55 -3.17 -11.69 24.41
CA ARG A 55 -3.51 -12.87 23.63
C ARG A 55 -2.73 -12.96 22.33
N LEU A 56 -2.35 -11.81 21.76
CA LEU A 56 -1.55 -11.80 20.53
C LEU A 56 -0.05 -11.75 20.80
N ARG A 57 0.37 -11.69 22.06
CA ARG A 57 1.78 -11.67 22.44
C ARG A 57 2.52 -10.49 21.80
N LEU A 58 1.86 -9.33 21.76
CA LEU A 58 2.48 -8.12 21.25
C LEU A 58 3.14 -7.35 22.38
N HIS A 59 4.16 -6.58 22.03
CA HIS A 59 4.85 -5.78 23.03
C HIS A 59 3.98 -4.57 23.42
N PRO A 60 4.07 -4.14 24.68
CA PRO A 60 3.23 -3.01 25.11
C PRO A 60 3.57 -1.67 24.47
N ARG A 61 4.75 -1.52 23.86
CA ARG A 61 5.13 -0.22 23.31
C ARG A 61 4.12 0.27 22.28
N SER A 62 3.78 -0.57 21.30
CA SER A 62 3.00 -0.13 20.14
C SER A 62 1.70 -0.88 19.94
N ALA A 63 1.28 -1.72 20.90
CA ALA A 63 0.04 -2.48 20.70
C ALA A 63 -1.16 -1.56 20.56
N ARG A 64 -1.29 -0.58 21.48
CA ARG A 64 -2.39 0.36 21.40
C ARG A 64 -2.36 1.16 20.11
N ASP A 65 -1.17 1.61 19.69
CA ASP A 65 -1.04 2.29 18.41
C ASP A 65 -1.55 1.42 17.26
N PHE A 66 -1.17 0.14 17.28
CA PHE A 66 -1.57 -0.78 16.22
C PHE A 66 -3.09 -0.98 16.22
N PHE A 67 -3.66 -1.23 17.39
CA PHE A 67 -5.10 -1.43 17.48
C PHE A 67 -5.86 -0.18 17.04
N ASP A 68 -5.40 0.99 17.47
CA ASP A 68 -6.12 2.22 17.10
C ASP A 68 -5.92 2.56 15.63
N THR A 69 -4.81 2.15 15.01
CA THR A 69 -4.69 2.32 13.57
C THR A 69 -5.80 1.53 12.87
N LEU A 70 -6.04 0.30 13.31
CA LEU A 70 -7.13 -0.48 12.74
C LEU A 70 -8.48 0.21 12.95
N VAL A 71 -8.67 0.83 14.13
CA VAL A 71 -9.91 1.59 14.36
C VAL A 71 -10.03 2.74 13.36
N ALA A 72 -8.96 3.52 13.23
CA ALA A 72 -9.02 4.69 12.33
C ALA A 72 -9.20 4.28 10.88
N LEU A 73 -8.69 3.11 10.50
CA LEU A 73 -8.91 2.55 9.18
C LEU A 73 -10.32 2.00 8.98
N GLY A 74 -11.14 1.97 10.03
CA GLY A 74 -12.51 1.51 9.91
C GLY A 74 -12.70 0.02 9.88
N VAL A 75 -11.73 -0.76 10.35
CA VAL A 75 -11.87 -2.22 10.36
C VAL A 75 -12.13 -2.77 11.76
N LEU A 76 -11.83 -2.03 12.81
CA LEU A 76 -12.21 -2.38 14.18
C LEU A 76 -13.09 -1.28 14.74
N GLU A 77 -13.90 -1.65 15.72
CA GLU A 77 -14.62 -0.70 16.56
C GLU A 77 -13.94 -0.62 17.92
N ARG A 78 -14.08 0.52 18.59
CA ARG A 78 -13.60 0.66 19.96
C ARG A 78 -14.52 1.61 20.72
N THR A 79 -14.96 1.20 21.91
CA THR A 79 -15.60 2.11 22.84
C THR A 79 -15.27 1.69 24.26
N ASN A 80 -15.09 2.68 25.14
CA ASN A 80 -14.72 2.42 26.53
C ASN A 80 -13.48 1.53 26.63
N GLY A 81 -12.56 1.70 25.68
CA GLY A 81 -11.33 0.94 25.68
C GLY A 81 -11.44 -0.50 25.25
N ALA A 82 -12.59 -0.93 24.74
CA ALA A 82 -12.80 -2.31 24.31
C ALA A 82 -12.89 -2.36 22.79
N TYR A 83 -12.09 -3.23 22.19
CA TYR A 83 -12.06 -3.40 20.74
C TYR A 83 -12.99 -4.53 20.30
N ALA A 84 -13.63 -4.33 19.16
CA ALA A 84 -14.56 -5.31 18.62
C ALA A 84 -14.44 -5.34 17.11
N ASN A 85 -14.80 -6.48 16.51
CA ASN A 85 -14.90 -6.57 15.06
C ASN A 85 -15.94 -5.58 14.53
N THR A 86 -15.71 -5.11 13.32
CA THR A 86 -16.77 -4.52 12.53
C THR A 86 -17.58 -5.64 11.90
N PRO A 87 -18.78 -5.36 11.39
CA PRO A 87 -19.53 -6.43 10.71
C PRO A 87 -18.72 -7.15 9.65
N ALA A 88 -17.98 -6.40 8.82
CA ALA A 88 -17.25 -7.02 7.72
C ALA A 88 -16.14 -7.94 8.22
N THR A 89 -15.40 -7.54 9.26
CA THR A 89 -14.36 -8.44 9.76
C THR A 89 -14.97 -9.59 10.56
N ALA A 90 -16.11 -9.38 11.22
CA ALA A 90 -16.78 -10.48 11.89
C ALA A 90 -17.28 -11.51 10.88
N GLN A 91 -17.73 -11.03 9.71
CA GLN A 91 -18.33 -11.93 8.73
C GLN A 91 -17.29 -12.61 7.84
N TYR A 92 -16.18 -11.94 7.53
CA TYR A 92 -15.29 -12.41 6.48
C TYR A 92 -13.84 -12.57 6.89
N LEU A 93 -13.44 -12.14 8.08
CA LEU A 93 -12.03 -12.23 8.49
C LEU A 93 -11.84 -13.07 9.74
N VAL A 94 -12.82 -13.88 10.11
CA VAL A 94 -12.68 -14.82 11.22
C VAL A 94 -12.38 -16.20 10.65
N ARG A 95 -11.26 -16.79 11.09
CA ARG A 95 -10.83 -18.08 10.58
C ARG A 95 -11.81 -19.18 10.96
N GLY A 96 -11.79 -20.26 10.17
CA GLY A 96 -12.61 -21.42 10.43
C GLY A 96 -14.02 -21.36 9.89
N LYS A 97 -14.40 -20.25 9.26
CA LYS A 97 -15.72 -20.11 8.66
C LYS A 97 -15.61 -20.26 7.16
N SER A 98 -16.64 -20.87 6.54
CA SER A 98 -16.59 -21.05 5.10
C SER A 98 -16.53 -19.72 4.35
N ALA A 99 -17.01 -18.63 4.95
CA ALA A 99 -16.98 -17.32 4.33
C ALA A 99 -15.64 -16.63 4.41
N TYR A 100 -14.68 -17.21 5.14
CA TYR A 100 -13.42 -16.53 5.44
C TYR A 100 -12.67 -16.15 4.17
N LEU A 101 -12.37 -14.85 4.03
CA LEU A 101 -11.59 -14.33 2.93
C LEU A 101 -10.20 -13.89 3.35
N GLY A 102 -9.83 -14.06 4.61
CA GLY A 102 -8.54 -13.59 5.08
C GLY A 102 -7.36 -14.38 4.56
N GLY A 103 -7.61 -15.51 3.92
CA GLY A 103 -6.50 -16.27 3.33
C GLY A 103 -5.71 -15.44 2.34
N LEU A 104 -6.41 -14.59 1.57
CA LEU A 104 -5.72 -13.68 0.66
C LEU A 104 -4.75 -12.78 1.43
N LEU A 105 -5.17 -12.32 2.60
CA LEU A 105 -4.33 -11.42 3.39
C LEU A 105 -3.18 -12.18 4.05
N GLU A 106 -3.46 -13.39 4.54
CA GLU A 106 -2.38 -14.19 5.12
C GLU A 106 -1.32 -14.52 4.09
N MET A 107 -1.74 -14.89 2.88
CA MET A 107 -0.77 -15.20 1.84
C MET A 107 -0.04 -13.94 1.37
N SER A 108 -0.74 -12.81 1.32
CA SER A 108 -0.08 -11.56 0.96
C SER A 108 0.99 -11.20 1.99
N ASP A 109 0.68 -11.36 3.28
CA ASP A 109 1.64 -11.03 4.31
C ASP A 109 2.83 -11.99 4.28
N ALA A 110 2.58 -13.28 4.07
CA ALA A 110 3.63 -14.28 4.14
C ALA A 110 4.49 -14.31 2.88
N ARG A 111 3.95 -13.92 1.74
CA ARG A 111 4.66 -14.12 0.49
C ARG A 111 4.61 -12.92 -0.46
N MET A 112 3.42 -12.36 -0.69
CA MET A 112 3.27 -11.44 -1.81
C MET A 112 3.87 -10.07 -1.53
N TYR A 113 3.81 -9.58 -0.29
CA TYR A 113 4.38 -8.27 0.01
C TYR A 113 5.87 -8.24 -0.33
N GLU A 114 6.62 -9.25 0.10
CA GLU A 114 8.04 -9.27 -0.21
C GLU A 114 8.29 -9.58 -1.69
N LEU A 115 7.45 -10.43 -2.29
CA LEU A 115 7.63 -10.72 -3.71
C LEU A 115 7.48 -9.46 -4.54
N TRP A 116 6.45 -8.66 -4.26
CA TRP A 116 6.28 -7.39 -4.94
C TRP A 116 7.41 -6.40 -4.61
N GLY A 117 8.12 -6.60 -3.50
CA GLY A 117 9.32 -5.85 -3.24
C GLY A 117 10.37 -5.98 -4.32
N ARG A 118 10.29 -7.04 -5.14
CA ARG A 118 11.20 -7.27 -6.24
C ARG A 118 10.60 -6.89 -7.58
N LEU A 119 9.58 -6.02 -7.58
CA LEU A 119 8.96 -5.62 -8.84
C LEU A 119 9.98 -5.06 -9.82
N ASP A 120 10.90 -4.22 -9.33
CA ASP A 120 11.83 -3.58 -10.25
C ASP A 120 12.73 -4.61 -10.95
N GLU A 121 13.18 -5.64 -10.22
CA GLU A 121 14.00 -6.66 -10.87
C GLU A 121 13.19 -7.47 -11.87
N GLY A 122 11.91 -7.72 -11.56
CA GLY A 122 11.04 -8.36 -12.53
C GLY A 122 10.90 -7.53 -13.80
N LEU A 123 10.72 -6.22 -13.65
CA LEU A 123 10.55 -5.37 -14.83
C LEU A 123 11.83 -5.29 -15.66
N ARG A 124 12.99 -5.27 -14.99
CA ARG A 124 14.25 -5.15 -15.72
C ARG A 124 14.61 -6.44 -16.44
N THR A 125 14.29 -7.60 -15.87
CA THR A 125 14.77 -8.87 -16.41
C THR A 125 13.71 -9.66 -17.13
N GLY A 126 12.43 -9.38 -16.90
CA GLY A 126 11.36 -10.22 -17.40
C GLY A 126 11.26 -11.56 -16.73
N ASN A 127 12.01 -11.79 -15.68
CA ASN A 127 12.08 -13.08 -15.01
C ASN A 127 11.28 -13.06 -13.71
N PRO A 128 10.69 -14.17 -13.32
CA PRO A 128 9.99 -14.23 -12.04
C PRO A 128 10.97 -14.10 -10.90
N GLN A 129 10.44 -13.68 -9.75
CA GLN A 129 11.25 -13.30 -8.60
C GLN A 129 10.92 -14.12 -7.37
N ASN A 130 10.31 -15.29 -7.55
CA ASN A 130 9.91 -16.12 -6.43
C ASN A 130 10.85 -17.30 -6.23
N MET A 157 -7.31 -20.74 1.86
CA MET A 157 -7.30 -20.18 0.50
C MET A 157 -8.59 -20.48 -0.24
N THR A 158 -9.32 -21.50 0.23
CA THR A 158 -10.48 -22.00 -0.50
C THR A 158 -11.55 -20.94 -0.69
N GLY A 159 -11.69 -20.02 0.26
CA GLY A 159 -12.74 -19.02 0.17
C GLY A 159 -12.59 -18.08 -1.00
N LEU A 160 -11.37 -17.93 -1.54
CA LEU A 160 -11.14 -16.93 -2.59
C LEU A 160 -11.82 -17.32 -3.89
N SER A 161 -11.94 -18.61 -4.19
CA SER A 161 -12.55 -19.07 -5.44
C SER A 161 -14.07 -19.19 -5.35
N MET A 162 -14.65 -18.91 -4.18
CA MET A 162 -16.06 -19.21 -3.97
C MET A 162 -16.96 -18.27 -4.75
N ARG A 163 -16.65 -16.97 -4.76
CA ARG A 163 -17.50 -16.01 -5.44
C ARG A 163 -17.61 -16.31 -6.93
N SER A 164 -16.47 -16.60 -7.57
CA SER A 164 -16.48 -16.95 -8.98
C SER A 164 -17.19 -18.29 -9.20
N ALA A 165 -16.99 -19.24 -8.30
CA ALA A 165 -17.62 -20.56 -8.43
C ALA A 165 -19.13 -20.43 -8.42
N HIS A 166 -19.66 -19.63 -7.49
CA HIS A 166 -21.11 -19.46 -7.42
C HIS A 166 -21.64 -18.75 -8.65
N ALA A 167 -20.95 -17.69 -9.10
CA ALA A 167 -21.39 -16.95 -10.27
C ALA A 167 -21.36 -17.82 -11.52
N LEU A 168 -20.33 -18.64 -11.67
CA LEU A 168 -20.23 -19.50 -12.84
C LEU A 168 -21.45 -20.41 -12.96
N ALA A 169 -21.94 -20.93 -11.83
CA ALA A 169 -23.10 -21.83 -11.88
C ALA A 169 -24.39 -21.10 -12.20
N GLU A 170 -24.44 -19.79 -11.98
CA GLU A 170 -25.63 -19.01 -12.29
C GLU A 170 -25.61 -18.32 -13.64
N ALA A 171 -24.42 -18.09 -14.22
CA ALA A 171 -24.29 -17.22 -15.38
C ALA A 171 -24.42 -17.94 -16.71
N ILE A 172 -24.45 -19.27 -16.71
CA ILE A 172 -24.50 -20.09 -17.90
C ILE A 172 -25.69 -21.02 -17.78
N ASP A 173 -26.39 -21.26 -18.89
CA ASP A 173 -27.51 -22.21 -18.91
C ASP A 173 -26.94 -23.63 -18.93
N TRP A 174 -26.62 -24.13 -17.74
CA TRP A 174 -26.02 -25.46 -17.64
C TRP A 174 -26.99 -26.57 -17.99
N SER A 175 -28.30 -26.29 -18.07
CA SER A 175 -29.26 -27.32 -18.48
C SER A 175 -29.00 -27.81 -19.89
N ALA A 176 -28.27 -27.05 -20.71
CA ALA A 176 -28.03 -27.44 -22.08
C ALA A 176 -26.98 -28.53 -22.23
N TYR A 177 -26.25 -28.86 -21.16
CA TYR A 177 -25.10 -29.76 -21.22
C TYR A 177 -25.30 -30.90 -20.23
N ARG A 178 -24.69 -32.04 -20.55
CA ARG A 178 -24.74 -33.19 -19.65
C ARG A 178 -23.43 -33.42 -18.90
N THR A 179 -22.30 -33.06 -19.50
CA THR A 179 -21.00 -33.33 -18.91
C THR A 179 -20.15 -32.06 -18.93
N VAL A 180 -19.27 -31.93 -17.95
CA VAL A 180 -18.38 -30.79 -17.85
C VAL A 180 -17.02 -31.27 -17.37
N ALA A 181 -15.96 -30.67 -17.88
CA ALA A 181 -14.62 -30.93 -17.40
C ALA A 181 -13.99 -29.61 -16.97
N ASP A 182 -13.43 -29.59 -15.76
CA ASP A 182 -12.71 -28.43 -15.26
C ASP A 182 -11.23 -28.70 -15.45
N ILE A 183 -10.59 -27.91 -16.31
CA ILE A 183 -9.21 -28.14 -16.72
C ILE A 183 -8.28 -27.39 -15.78
N GLY A 184 -7.45 -28.12 -15.04
CA GLY A 184 -6.67 -27.51 -13.99
C GLY A 184 -7.53 -27.26 -12.77
N CYS A 185 -8.18 -28.33 -12.30
CA CYS A 185 -9.25 -28.22 -11.31
C CYS A 185 -8.75 -27.99 -9.89
N ALA A 186 -7.45 -28.17 -9.63
CA ALA A 186 -6.93 -28.10 -8.26
C ALA A 186 -7.76 -28.98 -7.33
N GLU A 187 -8.11 -28.46 -6.15
CA GLU A 187 -8.84 -29.28 -5.19
C GLU A 187 -10.29 -29.49 -5.56
N GLY A 188 -10.78 -28.89 -6.65
CA GLY A 188 -12.10 -29.19 -7.17
C GLY A 188 -13.22 -28.33 -6.64
N THR A 189 -12.92 -27.23 -5.95
CA THR A 189 -13.96 -26.39 -5.35
C THR A 189 -14.99 -25.92 -6.37
N VAL A 190 -14.52 -25.41 -7.51
CA VAL A 190 -15.43 -24.82 -8.49
C VAL A 190 -16.32 -25.89 -9.11
N LEU A 191 -15.72 -27.02 -9.51
CA LEU A 191 -16.48 -28.07 -10.16
C LEU A 191 -17.46 -28.73 -9.21
N ILE A 192 -17.06 -28.92 -7.95
CA ILE A 192 -17.97 -29.49 -6.95
C ILE A 192 -19.20 -28.61 -6.77
N HIS A 193 -19.00 -27.29 -6.67
CA HIS A 193 -20.17 -26.43 -6.52
C HIS A 193 -21.05 -26.49 -7.76
N LEU A 194 -20.44 -26.50 -8.94
CA LEU A 194 -21.23 -26.57 -10.16
C LEU A 194 -22.11 -27.82 -10.17
N LEU A 195 -21.55 -28.96 -9.78
CA LEU A 195 -22.31 -30.21 -9.78
C LEU A 195 -23.36 -30.24 -8.68
N GLU A 196 -23.09 -29.62 -7.53
CA GLU A 196 -24.10 -29.54 -6.49
C GLU A 196 -25.27 -28.67 -6.93
N ARG A 197 -24.98 -27.58 -7.64
CA ARG A 197 -26.01 -26.66 -8.08
C ARG A 197 -26.85 -27.26 -9.21
N HIS A 198 -26.24 -28.08 -10.05
CA HIS A 198 -26.90 -28.67 -11.23
C HIS A 198 -26.79 -30.18 -11.16
N PRO A 199 -27.74 -30.84 -10.50
CA PRO A 199 -27.60 -32.28 -10.25
C PRO A 199 -27.61 -33.15 -11.50
N HIS A 200 -28.02 -32.63 -12.66
CA HIS A 200 -27.99 -33.43 -13.88
C HIS A 200 -26.60 -33.56 -14.49
N LEU A 201 -25.62 -32.78 -14.03
CA LEU A 201 -24.31 -32.73 -14.66
C LEU A 201 -23.42 -33.84 -14.12
N ARG A 202 -22.62 -34.41 -15.01
CA ARG A 202 -21.51 -35.27 -14.63
C ARG A 202 -20.22 -34.51 -14.89
N GLY A 203 -19.26 -34.62 -13.98
CA GLY A 203 -18.09 -33.78 -14.02
C GLY A 203 -16.79 -34.57 -13.95
N THR A 204 -15.76 -34.01 -14.59
CA THR A 204 -14.40 -34.53 -14.54
C THR A 204 -13.46 -33.41 -14.17
N GLY A 205 -12.71 -33.59 -13.08
CA GLY A 205 -11.64 -32.67 -12.73
C GLY A 205 -10.32 -33.18 -13.26
N PHE A 206 -9.62 -32.33 -14.01
CA PHE A 206 -8.37 -32.70 -14.67
C PHE A 206 -7.23 -31.88 -14.06
N ASP A 207 -6.21 -32.57 -13.56
CA ASP A 207 -5.03 -31.88 -13.04
C ASP A 207 -3.90 -32.90 -12.90
N LEU A 208 -2.72 -32.40 -12.52
CA LEU A 208 -1.59 -33.28 -12.27
C LEU A 208 -1.93 -34.31 -11.19
N ALA A 209 -1.28 -35.48 -11.28
CA ALA A 209 -1.60 -36.59 -10.38
C ALA A 209 -1.45 -36.19 -8.91
N ALA A 210 -0.47 -35.34 -8.61
CA ALA A 210 -0.21 -34.94 -7.22
C ALA A 210 -1.37 -34.19 -6.60
N VAL A 211 -2.28 -33.65 -7.42
CA VAL A 211 -3.44 -32.93 -6.91
C VAL A 211 -4.51 -33.88 -6.36
N ARG A 212 -4.47 -35.16 -6.72
CA ARG A 212 -5.59 -36.06 -6.42
CA ARG A 212 -5.59 -36.06 -6.42
C ARG A 212 -5.93 -36.12 -4.93
N PRO A 213 -4.98 -36.25 -3.99
CA PRO A 213 -5.39 -36.33 -2.58
C PRO A 213 -6.25 -35.16 -2.12
N SER A 214 -5.89 -33.93 -2.49
CA SER A 214 -6.68 -32.77 -2.09
C SER A 214 -8.05 -32.78 -2.74
N PHE A 215 -8.10 -33.14 -4.03
CA PHE A 215 -9.38 -33.28 -4.73
C PHE A 215 -10.24 -34.34 -4.07
N GLN A 216 -9.64 -35.50 -3.76
CA GLN A 216 -10.42 -36.60 -3.20
C GLN A 216 -11.08 -36.20 -1.88
N ARG A 217 -10.36 -35.43 -1.06
CA ARG A 217 -10.93 -34.98 0.22
C ARG A 217 -12.19 -34.17 -0.01
N ARG A 218 -12.14 -33.19 -0.91
CA ARG A 218 -13.32 -32.38 -1.20
C ARG A 218 -14.40 -33.22 -1.88
N HIS A 219 -14.00 -34.15 -2.75
CA HIS A 219 -14.94 -35.04 -3.41
C HIS A 219 -15.70 -35.89 -2.39
N GLU A 220 -14.98 -36.46 -1.42
CA GLU A 220 -15.64 -37.24 -0.38
C GLU A 220 -16.61 -36.38 0.42
N GLU A 221 -16.18 -35.18 0.81
CA GLU A 221 -17.02 -34.32 1.62
C GLU A 221 -18.28 -33.91 0.89
N SER A 222 -18.22 -33.81 -0.45
CA SER A 222 -19.37 -33.35 -1.22
C SER A 222 -20.49 -34.38 -1.27
N GLY A 223 -20.16 -35.66 -1.15
CA GLY A 223 -21.16 -36.69 -1.34
C GLY A 223 -21.61 -36.88 -2.77
N LEU A 224 -20.91 -36.28 -3.74
CA LEU A 224 -21.28 -36.41 -5.15
C LEU A 224 -21.09 -37.82 -5.67
N GLY A 225 -20.24 -38.63 -5.06
CA GLY A 225 -20.09 -40.01 -5.50
C GLY A 225 -19.63 -40.08 -6.94
N ASP A 226 -20.19 -41.05 -7.68
CA ASP A 226 -19.69 -41.32 -9.02
C ASP A 226 -20.10 -40.27 -10.05
N ARG A 227 -20.84 -39.23 -9.64
CA ARG A 227 -21.12 -38.13 -10.55
C ARG A 227 -19.91 -37.24 -10.79
N LEU A 228 -18.88 -37.36 -9.96
CA LEU A 228 -17.64 -36.59 -10.10
C LEU A 228 -16.47 -37.55 -10.12
N ALA A 229 -15.49 -37.27 -10.99
CA ALA A 229 -14.29 -38.08 -11.07
C ALA A 229 -13.09 -37.18 -11.29
N PHE A 230 -11.94 -37.63 -10.78
CA PHE A 230 -10.66 -36.99 -11.04
C PHE A 230 -9.94 -37.72 -12.17
N ARG A 231 -9.31 -36.95 -13.06
CA ARG A 231 -8.49 -37.51 -14.12
C ARG A 231 -7.11 -36.86 -14.06
N ALA A 232 -6.08 -37.68 -13.83
CA ALA A 232 -4.74 -37.16 -13.74
C ALA A 232 -4.14 -36.98 -15.13
N GLY A 233 -3.41 -35.88 -15.33
CA GLY A 233 -2.76 -35.65 -16.60
C GLY A 233 -2.12 -34.28 -16.66
N ASP A 234 -1.26 -34.12 -17.66
CA ASP A 234 -0.56 -32.87 -17.96
C ASP A 234 -1.15 -32.34 -19.25
N PHE A 235 -1.84 -31.20 -19.20
CA PHE A 235 -2.52 -30.75 -20.40
C PHE A 235 -1.57 -30.31 -21.52
N PHE A 236 -0.28 -30.24 -21.27
CA PHE A 236 0.69 -29.99 -22.33
C PHE A 236 1.26 -31.26 -22.93
N ALA A 237 0.84 -32.42 -22.43
CA ALA A 237 1.40 -33.69 -22.88
C ALA A 237 0.37 -34.66 -23.43
N GLU A 238 -0.91 -34.42 -23.22
CA GLU A 238 -1.93 -35.39 -23.61
C GLU A 238 -3.22 -34.64 -23.92
N PRO A 239 -4.16 -35.28 -24.60
CA PRO A 239 -5.43 -34.62 -24.90
C PRO A 239 -6.22 -34.33 -23.64
N LEU A 240 -7.12 -33.36 -23.76
CA LEU A 240 -8.02 -33.02 -22.69
C LEU A 240 -9.19 -34.01 -22.65
N PRO A 241 -9.84 -34.14 -21.48
CA PRO A 241 -11.05 -34.98 -21.41
C PRO A 241 -12.15 -34.43 -22.29
N GLN A 242 -12.84 -35.33 -22.98
CA GLN A 242 -14.03 -34.94 -23.72
C GLN A 242 -15.17 -34.65 -22.75
N ALA A 243 -15.84 -33.54 -22.98
CA ALA A 243 -17.05 -33.17 -22.23
C ALA A 243 -17.80 -32.14 -23.06
N ASP A 244 -19.06 -31.91 -22.69
CA ASP A 244 -19.86 -30.92 -23.40
C ASP A 244 -19.38 -29.50 -23.13
N ALA A 245 -18.76 -29.26 -21.98
CA ALA A 245 -18.28 -27.95 -21.59
C ALA A 245 -16.93 -28.12 -20.90
N LEU A 246 -15.96 -27.30 -21.27
CA LEU A 246 -14.64 -27.28 -20.65
C LEU A 246 -14.42 -25.93 -20.01
N VAL A 247 -13.96 -25.92 -18.75
CA VAL A 247 -13.77 -24.71 -17.97
C VAL A 247 -12.29 -24.49 -17.73
N PHE A 248 -11.83 -23.25 -17.93
CA PHE A 248 -10.45 -22.82 -17.69
C PHE A 248 -10.51 -21.64 -16.73
N GLY A 249 -10.42 -21.92 -15.44
CA GLY A 249 -10.44 -20.84 -14.45
C GLY A 249 -9.05 -20.43 -14.03
N HIS A 250 -8.60 -19.25 -14.46
CA HIS A 250 -7.27 -18.75 -14.14
C HIS A 250 -6.20 -19.77 -14.54
N ILE A 251 -6.33 -20.31 -15.74
CA ILE A 251 -5.37 -21.27 -16.29
C ILE A 251 -4.51 -20.59 -17.35
N LEU A 252 -5.14 -20.05 -18.40
CA LEU A 252 -4.38 -19.56 -19.54
C LEU A 252 -3.38 -18.48 -19.14
N SER A 253 -3.78 -17.63 -18.18
CA SER A 253 -2.93 -16.53 -17.74
C SER A 253 -1.65 -16.97 -17.06
N ASN A 254 -1.51 -18.26 -16.70
CA ASN A 254 -0.30 -18.74 -16.07
C ASN A 254 0.79 -19.11 -17.07
N TRP A 255 0.51 -19.07 -18.37
CA TRP A 255 1.37 -19.67 -19.37
C TRP A 255 1.65 -18.71 -20.50
N ALA A 256 2.78 -18.91 -21.17
CA ALA A 256 3.11 -18.11 -22.33
C ALA A 256 2.04 -18.27 -23.41
N LEU A 257 1.89 -17.22 -24.23
CA LEU A 257 0.83 -17.19 -25.24
C LEU A 257 0.77 -18.41 -26.15
N PRO A 258 1.88 -18.91 -26.71
CA PRO A 258 1.77 -20.14 -27.51
C PRO A 258 1.21 -21.31 -26.74
N LYS A 259 1.52 -21.42 -25.44
CA LYS A 259 0.98 -22.53 -24.66
C LYS A 259 -0.51 -22.34 -24.39
N ALA A 260 -0.94 -21.11 -24.10
CA ALA A 260 -2.36 -20.82 -23.96
C ALA A 260 -3.11 -21.14 -25.24
N LYS A 261 -2.51 -20.83 -26.39
CA LYS A 261 -3.16 -21.15 -27.66
C LYS A 261 -3.25 -22.66 -27.86
N THR A 262 -2.23 -23.40 -27.41
CA THR A 262 -2.27 -24.85 -27.50
C THR A 262 -3.42 -25.42 -26.68
N LEU A 263 -3.66 -24.86 -25.50
CA LEU A 263 -4.75 -25.34 -24.66
C LEU A 263 -6.10 -25.09 -25.32
N LEU A 264 -6.25 -23.94 -26.00
CA LEU A 264 -7.50 -23.66 -26.70
C LEU A 264 -7.70 -24.59 -27.90
N ARG A 265 -6.63 -24.91 -28.62
CA ARG A 265 -6.73 -25.92 -29.67
C ARG A 265 -7.19 -27.26 -29.08
N LYS A 266 -6.59 -27.67 -27.96
CA LYS A 266 -6.97 -28.94 -27.36
C LYS A 266 -8.41 -28.90 -26.85
N ALA A 267 -8.86 -27.75 -26.35
CA ALA A 267 -10.26 -27.63 -25.93
C ALA A 267 -11.19 -27.82 -27.12
N HIS A 268 -10.86 -27.20 -28.26
CA HIS A 268 -11.68 -27.38 -29.45
C HIS A 268 -11.74 -28.84 -29.87
N GLU A 269 -10.63 -29.58 -29.71
CA GLU A 269 -10.61 -30.98 -30.10
C GLU A 269 -11.42 -31.85 -29.14
N ALA A 270 -11.52 -31.45 -27.87
CA ALA A 270 -12.21 -32.24 -26.87
C ALA A 270 -13.72 -32.02 -26.87
N LEU A 271 -14.18 -30.95 -27.44
CA LEU A 271 -15.59 -30.59 -27.35
C LEU A 271 -16.40 -31.20 -28.48
N PRO A 272 -17.70 -31.41 -28.27
CA PRO A 272 -18.59 -31.80 -29.36
C PRO A 272 -19.09 -30.56 -30.09
N GLU A 273 -19.78 -30.81 -31.21
CA GLU A 273 -20.49 -29.73 -31.88
C GLU A 273 -21.49 -29.11 -30.92
N GLY A 274 -21.42 -27.78 -30.79
CA GLY A 274 -22.29 -27.09 -29.87
C GLY A 274 -21.80 -27.07 -28.44
N GLY A 275 -20.69 -27.73 -28.14
CA GLY A 275 -20.10 -27.61 -26.82
C GLY A 275 -19.46 -26.24 -26.62
N ILE A 276 -19.16 -25.92 -25.37
CA ILE A 276 -18.67 -24.59 -25.04
C ILE A 276 -17.36 -24.70 -24.28
N VAL A 277 -16.50 -23.70 -24.48
CA VAL A 277 -15.34 -23.47 -23.63
C VAL A 277 -15.62 -22.24 -22.79
N VAL A 278 -15.33 -22.34 -21.49
CA VAL A 278 -15.62 -21.28 -20.53
C VAL A 278 -14.31 -20.89 -19.87
N ILE A 279 -13.86 -19.66 -20.11
CA ILE A 279 -12.60 -19.15 -19.60
C ILE A 279 -12.95 -18.00 -18.66
N TYR A 280 -12.36 -17.99 -17.46
CA TYR A 280 -12.55 -16.80 -16.64
C TYR A 280 -11.24 -16.39 -15.98
N GLU A 281 -11.09 -15.08 -15.83
CA GLU A 281 -9.85 -14.42 -15.45
C GLU A 281 -10.21 -13.05 -14.85
N THR A 282 -9.24 -12.43 -14.18
CA THR A 282 -9.37 -11.00 -13.88
CA THR A 282 -9.31 -11.01 -13.87
C THR A 282 -8.84 -10.24 -15.11
N LEU A 283 -9.70 -10.21 -16.12
CA LEU A 283 -9.29 -9.65 -17.41
C LEU A 283 -8.97 -8.17 -17.30
N ILE A 284 -7.99 -7.73 -18.10
CA ILE A 284 -7.78 -6.31 -18.35
C ILE A 284 -8.86 -5.83 -19.32
N ASP A 285 -9.27 -4.58 -19.18
CA ASP A 285 -10.22 -4.00 -20.12
C ASP A 285 -9.62 -3.94 -21.52
N ASP A 286 -10.48 -3.98 -22.53
CA ASP A 286 -9.99 -4.03 -23.91
C ASP A 286 -9.07 -2.86 -24.23
N GLU A 287 -9.38 -1.67 -23.73
CA GLU A 287 -8.56 -0.50 -24.02
C GLU A 287 -7.33 -0.39 -23.12
N ARG A 288 -7.15 -1.31 -22.18
CA ARG A 288 -5.95 -1.40 -21.34
C ARG A 288 -5.64 -0.06 -20.66
N ARG A 289 -6.66 0.56 -20.08
CA ARG A 289 -6.43 1.82 -19.39
C ARG A 289 -7.27 1.99 -18.12
N GLU A 290 -7.98 0.96 -17.67
CA GLU A 290 -8.96 1.17 -16.60
C GLU A 290 -8.91 0.11 -15.51
N ASN A 291 -8.67 -1.15 -15.89
CA ASN A 291 -8.83 -2.27 -14.96
C ASN A 291 -7.59 -2.48 -14.12
N VAL A 292 -7.54 -1.81 -12.95
CA VAL A 292 -6.37 -1.93 -12.08
C VAL A 292 -6.16 -3.35 -11.58
N PRO A 293 -7.19 -4.06 -11.08
CA PRO A 293 -6.93 -5.46 -10.66
C PRO A 293 -6.32 -6.33 -11.74
N GLY A 294 -6.83 -6.25 -12.97
CA GLY A 294 -6.30 -7.06 -14.04
C GLY A 294 -4.86 -6.69 -14.40
N LEU A 295 -4.58 -5.40 -14.45
CA LEU A 295 -3.21 -4.97 -14.79
C LEU A 295 -2.25 -5.37 -13.67
N LEU A 296 -2.66 -5.20 -12.41
CA LEU A 296 -1.82 -5.66 -11.31
C LEU A 296 -1.62 -7.17 -11.37
N MET A 297 -2.67 -7.92 -11.72
CA MET A 297 -2.52 -9.37 -11.86
C MET A 297 -1.50 -9.73 -12.94
N SER A 298 -1.42 -8.94 -14.01
CA SER A 298 -0.42 -9.22 -15.03
C SER A 298 0.99 -9.06 -14.46
N LEU A 299 1.18 -8.08 -13.57
CA LEU A 299 2.49 -7.93 -12.92
C LEU A 299 2.74 -9.02 -11.90
N THR A 300 1.68 -9.49 -11.24
CA THR A 300 1.82 -10.68 -10.40
C THR A 300 2.26 -11.88 -11.22
N MET A 301 1.71 -12.05 -12.43
CA MET A 301 2.14 -13.15 -13.29
C MET A 301 3.60 -13.00 -13.67
N LEU A 302 4.07 -11.78 -13.87
CA LEU A 302 5.49 -11.54 -14.12
C LEU A 302 6.33 -12.05 -12.96
N LEU A 303 5.91 -11.72 -11.74
CA LEU A 303 6.71 -12.05 -10.57
C LEU A 303 6.66 -13.52 -10.20
N GLU A 304 5.60 -14.23 -10.61
CA GLU A 304 5.36 -15.60 -10.16
C GLU A 304 5.67 -16.66 -11.21
N THR A 305 5.62 -16.33 -12.50
CA THR A 305 5.71 -17.32 -13.55
C THR A 305 6.74 -16.90 -14.60
N PRO A 306 7.29 -17.87 -15.34
CA PRO A 306 8.20 -17.50 -16.43
C PRO A 306 7.51 -16.90 -17.65
N GLY A 307 6.22 -17.19 -17.87
CA GLY A 307 5.57 -16.72 -19.08
C GLY A 307 4.14 -16.22 -18.96
N GLY A 308 3.57 -16.28 -17.76
CA GLY A 308 2.19 -15.88 -17.58
C GLY A 308 1.98 -14.39 -17.79
N PHE A 309 0.72 -14.04 -18.05
CA PHE A 309 0.32 -12.67 -18.36
C PHE A 309 -1.19 -12.59 -18.26
N GLU A 310 -1.69 -11.41 -17.90
CA GLU A 310 -3.11 -11.15 -17.97
C GLU A 310 -3.43 -10.58 -19.35
N TYR A 311 -4.67 -10.78 -19.81
CA TYR A 311 -5.04 -10.39 -21.16
C TYR A 311 -6.44 -9.77 -21.16
N THR A 312 -6.86 -9.32 -22.34
CA THR A 312 -8.16 -8.70 -22.48
C THR A 312 -9.15 -9.68 -23.09
N GLY A 313 -10.43 -9.35 -22.96
CA GLY A 313 -11.45 -10.14 -23.65
C GLY A 313 -11.23 -10.16 -25.14
N ALA A 314 -10.88 -9.01 -25.73
CA ALA A 314 -10.67 -8.94 -27.17
C ALA A 314 -9.50 -9.84 -27.59
N ASP A 315 -8.43 -9.86 -26.79
CA ASP A 315 -7.32 -10.78 -27.01
C ASP A 315 -7.83 -12.21 -27.10
N CYS A 316 -8.61 -12.62 -26.09
CA CYS A 316 -9.05 -14.00 -25.99
C CYS A 316 -9.98 -14.37 -27.14
N ARG A 317 -10.85 -13.45 -27.55
CA ARG A 317 -11.75 -13.73 -28.66
C ARG A 317 -10.97 -13.97 -29.96
N GLU A 318 -9.85 -13.26 -30.15
CA GLU A 318 -8.99 -13.53 -31.31
C GLU A 318 -8.41 -14.93 -31.24
N TRP A 319 -7.84 -15.30 -30.09
CA TRP A 319 -7.30 -16.65 -29.94
C TRP A 319 -8.36 -17.70 -30.19
N LEU A 320 -9.57 -17.47 -29.67
CA LEU A 320 -10.64 -18.44 -29.82
C LEU A 320 -11.04 -18.58 -31.28
N ALA A 321 -11.07 -17.46 -32.02
CA ALA A 321 -11.36 -17.54 -33.45
C ALA A 321 -10.29 -18.32 -34.19
N ASP A 322 -9.02 -18.08 -33.86
CA ASP A 322 -7.94 -18.80 -34.53
C ASP A 322 -7.98 -20.29 -34.21
N ALA A 323 -8.46 -20.66 -33.03
CA ALA A 323 -8.58 -22.05 -32.65
C ALA A 323 -9.77 -22.74 -33.28
N GLY A 324 -10.62 -22.01 -33.99
CA GLY A 324 -11.72 -22.58 -34.72
C GLY A 324 -13.08 -22.43 -34.08
N PHE A 325 -13.19 -21.71 -32.97
CA PHE A 325 -14.48 -21.58 -32.31
C PHE A 325 -15.42 -20.70 -33.12
N ARG A 326 -16.69 -21.12 -33.16
CA ARG A 326 -17.65 -20.55 -34.10
C ARG A 326 -18.02 -19.12 -33.72
N GLU A 327 -18.19 -18.85 -32.43
CA GLU A 327 -18.52 -17.53 -31.94
C GLU A 327 -18.03 -17.42 -30.51
N SER A 328 -18.02 -16.19 -29.99
CA SER A 328 -17.52 -15.96 -28.63
C SER A 328 -18.14 -14.69 -28.06
N ARG A 329 -18.18 -14.61 -26.73
CA ARG A 329 -18.62 -13.40 -26.05
C ARG A 329 -17.87 -13.23 -24.74
N VAL A 330 -17.74 -11.98 -24.31
CA VAL A 330 -17.16 -11.62 -23.01
C VAL A 330 -18.29 -11.13 -22.11
N GLN A 331 -18.31 -11.60 -20.87
CA GLN A 331 -19.31 -11.17 -19.89
C GLN A 331 -18.64 -10.90 -18.55
N TYR A 332 -19.11 -9.87 -17.85
CA TYR A 332 -18.73 -9.71 -16.46
C TYR A 332 -19.32 -10.88 -15.67
N LEU A 333 -18.52 -11.43 -14.76
CA LEU A 333 -18.93 -12.62 -14.01
C LEU A 333 -19.14 -12.30 -12.54
N ALA A 334 -18.13 -11.77 -11.87
CA ALA A 334 -18.23 -11.52 -10.43
C ALA A 334 -17.17 -10.48 -10.09
N GLY A 335 -17.59 -9.23 -9.96
CA GLY A 335 -16.67 -8.14 -9.69
C GLY A 335 -15.57 -8.09 -10.74
N PRO A 336 -14.31 -8.17 -10.29
CA PRO A 336 -13.19 -8.06 -11.24
C PRO A 336 -13.02 -9.28 -12.12
N GLU A 337 -13.73 -10.37 -11.85
CA GLU A 337 -13.66 -11.58 -12.65
C GLU A 337 -14.62 -11.47 -13.82
N SER A 338 -14.13 -11.78 -15.02
CA SER A 338 -14.97 -11.83 -16.22
C SER A 338 -14.78 -13.16 -16.92
N MET A 339 -15.72 -13.53 -17.76
CA MET A 339 -15.57 -14.79 -18.47
C MET A 339 -15.69 -14.57 -19.97
N VAL A 340 -14.98 -15.43 -20.70
CA VAL A 340 -15.07 -15.51 -22.15
C VAL A 340 -15.65 -16.88 -22.47
N ILE A 341 -16.69 -16.91 -23.29
CA ILE A 341 -17.37 -18.15 -23.65
C ILE A 341 -17.39 -18.27 -25.15
N ALA A 342 -17.09 -19.46 -25.66
CA ALA A 342 -17.12 -19.71 -27.09
C ALA A 342 -17.79 -21.05 -27.35
N THR A 343 -18.42 -21.17 -28.52
CA THR A 343 -19.10 -22.39 -28.91
C THR A 343 -18.32 -23.05 -30.05
N LYS A 344 -18.19 -24.37 -29.97
CA LYS A 344 -17.60 -25.11 -31.07
C LYS A 344 -18.65 -25.33 -32.16
N PRO B 12 -19.45 -2.60 -0.67
CA PRO B 12 -19.43 -3.18 0.67
C PRO B 12 -18.17 -2.82 1.46
N ALA B 13 -18.25 -2.92 2.80
CA ALA B 13 -17.10 -2.61 3.63
C ALA B 13 -15.98 -3.62 3.42
N ILE B 14 -16.32 -4.90 3.18
CA ILE B 14 -15.27 -5.91 3.01
C ILE B 14 -14.46 -5.63 1.76
N ASP B 15 -15.11 -5.12 0.70
CA ASP B 15 -14.38 -4.79 -0.52
C ASP B 15 -13.40 -3.65 -0.28
N ARG B 16 -13.81 -2.62 0.46
CA ARG B 16 -12.89 -1.53 0.81
C ARG B 16 -11.75 -2.06 1.66
N LEU B 17 -12.05 -2.93 2.62
CA LEU B 17 -11.01 -3.53 3.46
C LEU B 17 -9.98 -4.26 2.63
N LEU B 18 -10.44 -5.15 1.72
CA LEU B 18 -9.53 -5.90 0.89
C LEU B 18 -8.69 -4.99 0.00
N GLN B 19 -9.28 -3.90 -0.49
CA GLN B 19 -8.53 -2.96 -1.32
C GLN B 19 -7.41 -2.29 -0.54
N ILE B 20 -7.69 -1.86 0.70
CA ILE B 20 -6.64 -1.30 1.53
C ILE B 20 -5.58 -2.35 1.81
N ALA B 21 -6.02 -3.59 2.10
CA ALA B 21 -5.09 -4.63 2.50
C ALA B 21 -4.13 -5.00 1.38
N THR B 22 -4.57 -4.95 0.13
CA THR B 22 -3.72 -5.29 -1.00
C THR B 22 -3.11 -4.06 -1.66
N GLY B 23 -3.17 -2.91 -1.00
CA GLY B 23 -2.66 -1.67 -1.57
C GLY B 23 -1.16 -1.63 -1.74
N PHE B 24 -0.43 -2.61 -1.22
CA PHE B 24 1.02 -2.63 -1.42
C PHE B 24 1.39 -2.75 -2.88
N MET B 25 0.52 -3.35 -3.71
CA MET B 25 0.85 -3.55 -5.11
C MET B 25 0.82 -2.24 -5.89
N ALA B 26 -0.31 -1.53 -5.84
CA ALA B 26 -0.36 -0.23 -6.52
C ALA B 26 0.70 0.71 -5.97
N SER B 27 0.98 0.61 -4.67
CA SER B 27 2.04 1.39 -4.07
C SER B 27 3.38 1.12 -4.76
N LYS B 28 3.76 -0.16 -4.86
CA LYS B 28 5.05 -0.51 -5.47
C LYS B 28 5.13 -0.05 -6.92
N VAL B 29 4.01 -0.09 -7.64
CA VAL B 29 4.01 0.39 -9.03
C VAL B 29 4.47 1.85 -9.08
N LEU B 30 3.88 2.70 -8.23
CA LEU B 30 4.25 4.11 -8.23
C LEU B 30 5.68 4.30 -7.72
N LEU B 31 6.04 3.57 -6.66
CA LEU B 31 7.37 3.70 -6.09
C LEU B 31 8.46 3.34 -7.10
N VAL B 32 8.26 2.25 -7.84
CA VAL B 32 9.26 1.85 -8.83
C VAL B 32 9.32 2.85 -9.98
N ALA B 33 8.16 3.34 -10.41
CA ALA B 33 8.15 4.35 -11.47
C ALA B 33 8.98 5.56 -11.05
N ALA B 34 8.85 5.97 -9.78
CA ALA B 34 9.65 7.07 -9.26
C ALA B 34 11.13 6.72 -9.25
N SER B 35 11.48 5.52 -8.74
CA SER B 35 12.89 5.12 -8.71
C SER B 35 13.48 5.07 -10.10
N LEU B 36 12.68 4.68 -11.10
CA LEU B 36 13.16 4.65 -12.49
C LEU B 36 13.28 6.03 -13.11
N GLY B 37 12.74 7.07 -12.47
CA GLY B 37 12.67 8.37 -13.11
C GLY B 37 11.77 8.38 -14.32
N LEU B 38 10.73 7.55 -14.31
CA LEU B 38 9.88 7.41 -15.49
C LEU B 38 9.28 8.75 -15.90
N PHE B 39 8.75 9.50 -14.93
CA PHE B 39 8.09 10.75 -15.25
C PHE B 39 9.06 11.80 -15.76
N THR B 40 10.32 11.75 -15.30
CA THR B 40 11.33 12.64 -15.84
C THR B 40 11.60 12.32 -17.30
N GLU B 41 11.59 11.04 -17.68
CA GLU B 41 11.79 10.68 -19.08
C GLU B 41 10.71 11.26 -19.98
N LEU B 42 9.52 11.52 -19.42
CA LEU B 42 8.41 12.05 -20.21
C LEU B 42 8.28 13.57 -20.07
N ALA B 43 9.20 14.24 -19.37
CA ALA B 43 9.06 15.66 -19.10
C ALA B 43 8.97 16.48 -20.38
N ALA B 44 9.82 16.17 -21.36
CA ALA B 44 9.88 16.96 -22.58
C ALA B 44 8.72 16.71 -23.53
N GLY B 45 8.03 15.58 -23.39
CA GLY B 45 6.93 15.26 -24.26
C GLY B 45 6.62 13.78 -24.24
N PRO B 46 5.56 13.38 -24.93
CA PRO B 46 5.15 11.98 -24.91
C PRO B 46 6.16 11.06 -25.58
N LEU B 47 6.20 9.82 -25.10
CA LEU B 47 7.02 8.77 -25.69
C LEU B 47 6.17 7.53 -25.91
N ARG B 48 6.40 6.86 -27.03
CA ARG B 48 5.78 5.56 -27.25
C ARG B 48 6.35 4.54 -26.28
N GLY B 49 5.60 3.46 -26.08
CA GLY B 49 5.99 2.47 -25.09
C GLY B 49 7.36 1.87 -25.34
N GLU B 50 7.65 1.56 -26.61
CA GLU B 50 8.95 0.95 -26.91
C GLU B 50 10.10 1.92 -26.63
N GLU B 51 9.91 3.21 -26.92
CA GLU B 51 10.96 4.16 -26.65
C GLU B 51 11.12 4.39 -25.15
N LEU B 52 10.01 4.48 -24.41
CA LEU B 52 10.10 4.61 -22.96
C LEU B 52 10.75 3.37 -22.36
N ARG B 53 10.39 2.18 -22.86
CA ARG B 53 11.02 0.95 -22.39
C ARG B 53 12.53 1.01 -22.60
N ALA B 54 12.95 1.38 -23.81
CA ALA B 54 14.37 1.42 -24.13
C ALA B 54 15.11 2.40 -23.22
N ARG B 55 14.52 3.57 -22.94
CA ARG B 55 15.23 4.57 -22.16
C ARG B 55 15.36 4.15 -20.69
N LEU B 56 14.41 3.33 -20.20
CA LEU B 56 14.45 2.83 -18.84
C LEU B 56 15.18 1.50 -18.72
N ARG B 57 15.60 0.92 -19.84
CA ARG B 57 16.30 -0.37 -19.89
C ARG B 57 15.44 -1.48 -19.28
N LEU B 58 14.14 -1.45 -19.57
CA LEU B 58 13.24 -2.48 -19.10
C LEU B 58 13.10 -3.59 -20.13
N HIS B 59 12.76 -4.78 -19.65
CA HIS B 59 12.54 -5.92 -20.51
C HIS B 59 11.19 -5.78 -21.22
N PRO B 60 11.09 -6.27 -22.47
CA PRO B 60 9.82 -6.13 -23.20
C PRO B 60 8.67 -6.95 -22.65
N ARG B 61 8.92 -7.93 -21.78
CA ARG B 61 7.83 -8.81 -21.32
C ARG B 61 6.71 -8.00 -20.68
N SER B 62 7.06 -7.12 -19.73
CA SER B 62 6.05 -6.50 -18.88
C SER B 62 6.08 -4.99 -18.90
N ALA B 63 6.88 -4.37 -19.78
CA ALA B 63 6.95 -2.91 -19.80
C ALA B 63 5.59 -2.29 -20.10
N ARG B 64 4.90 -2.82 -21.12
CA ARG B 64 3.59 -2.28 -21.48
C ARG B 64 2.58 -2.44 -20.35
N ASP B 65 2.56 -3.62 -19.72
CA ASP B 65 1.71 -3.81 -18.54
C ASP B 65 2.01 -2.77 -17.47
N PHE B 66 3.29 -2.51 -17.21
CA PHE B 66 3.69 -1.55 -16.20
C PHE B 66 3.21 -0.14 -16.55
N PHE B 67 3.47 0.29 -17.79
CA PHE B 67 3.03 1.62 -18.22
C PHE B 67 1.52 1.75 -18.15
N ASP B 68 0.81 0.71 -18.58
CA ASP B 68 -0.65 0.78 -18.60
C ASP B 68 -1.24 0.72 -17.19
N THR B 69 -0.57 0.02 -16.27
CA THR B 69 -1.01 0.08 -14.87
C THR B 69 -0.94 1.50 -14.35
N LEU B 70 0.13 2.23 -14.69
CA LEU B 70 0.24 3.63 -14.30
C LEU B 70 -0.91 4.46 -14.91
N VAL B 71 -1.28 4.17 -16.17
CA VAL B 71 -2.42 4.85 -16.78
C VAL B 71 -3.69 4.56 -16.00
N ALA B 72 -3.93 3.28 -15.67
CA ALA B 72 -5.16 2.91 -14.98
C ALA B 72 -5.22 3.48 -13.56
N LEU B 73 -4.06 3.67 -12.93
CA LEU B 73 -3.98 4.32 -11.63
C LEU B 73 -4.15 5.83 -11.72
N GLY B 74 -4.20 6.39 -12.92
CA GLY B 74 -4.43 7.81 -13.10
C GLY B 74 -3.20 8.68 -12.99
N VAL B 75 -2.00 8.10 -13.10
CA VAL B 75 -0.77 8.89 -12.99
C VAL B 75 -0.04 9.05 -14.32
N LEU B 76 -0.46 8.36 -15.37
CA LEU B 76 0.02 8.63 -16.72
C LEU B 76 -1.17 8.80 -17.66
N GLU B 77 -0.94 9.51 -18.74
CA GLU B 77 -1.85 9.59 -19.87
C GLU B 77 -1.31 8.73 -21.01
N ARG B 78 -2.23 8.25 -21.86
CA ARG B 78 -1.82 7.54 -23.07
C ARG B 78 -2.76 7.93 -24.19
N THR B 79 -2.20 8.37 -25.31
CA THR B 79 -2.98 8.84 -26.45
C THR B 79 -2.36 8.25 -27.71
N ASN B 80 -3.09 7.35 -28.36
CA ASN B 80 -2.64 6.69 -29.59
C ASN B 80 -1.28 6.03 -29.38
N GLY B 81 -1.10 5.40 -28.22
CA GLY B 81 0.10 4.65 -27.94
C GLY B 81 1.26 5.45 -27.39
N ALA B 82 1.10 6.74 -27.13
CA ALA B 82 2.14 7.58 -26.57
C ALA B 82 1.81 7.92 -25.12
N TYR B 83 2.73 7.64 -24.22
CA TYR B 83 2.55 7.91 -22.79
C TYR B 83 3.02 9.32 -22.45
N ALA B 84 2.33 9.92 -21.49
CA ALA B 84 2.64 11.30 -21.12
C ALA B 84 2.33 11.50 -19.65
N ASN B 85 2.97 12.51 -19.07
CA ASN B 85 2.72 12.88 -17.68
C ASN B 85 1.29 13.43 -17.53
N THR B 86 0.71 13.19 -16.35
CA THR B 86 -0.47 13.91 -15.92
C THR B 86 -0.03 15.25 -15.34
N PRO B 87 -0.97 16.17 -15.10
CA PRO B 87 -0.59 17.43 -14.45
C PRO B 87 0.21 17.23 -13.17
N ALA B 88 -0.20 16.28 -12.32
CA ALA B 88 0.46 16.09 -11.04
C ALA B 88 1.88 15.54 -11.23
N THR B 89 2.06 14.58 -12.13
CA THR B 89 3.41 14.02 -12.28
C THR B 89 4.33 15.00 -13.01
N ALA B 90 3.80 15.78 -13.95
CA ALA B 90 4.63 16.79 -14.60
C ALA B 90 5.09 17.84 -13.61
N GLN B 91 4.24 18.19 -12.66
CA GLN B 91 4.56 19.26 -11.72
C GLN B 91 5.49 18.80 -10.60
N TYR B 92 5.26 17.58 -10.09
CA TYR B 92 5.85 17.15 -8.82
C TYR B 92 6.77 15.94 -8.92
N LEU B 93 6.76 15.21 -10.03
CA LEU B 93 7.55 13.98 -10.14
C LEU B 93 8.59 14.06 -11.25
N VAL B 94 8.92 15.27 -11.69
CA VAL B 94 9.96 15.49 -12.69
C VAL B 94 11.20 16.01 -11.98
N ARG B 95 12.29 15.23 -12.04
CA ARG B 95 13.53 15.62 -11.39
C ARG B 95 14.04 16.93 -11.96
N GLY B 96 14.71 17.71 -11.11
CA GLY B 96 15.31 18.96 -11.52
C GLY B 96 14.42 20.18 -11.35
N LYS B 97 13.14 19.99 -11.08
CA LYS B 97 12.25 21.10 -10.76
C LYS B 97 12.26 21.35 -9.26
N SER B 98 12.09 22.62 -8.89
CA SER B 98 12.10 22.97 -7.47
C SER B 98 10.95 22.32 -6.72
N ALA B 99 9.85 22.01 -7.40
CA ALA B 99 8.70 21.38 -6.77
C ALA B 99 8.82 19.85 -6.69
N TYR B 100 9.95 19.27 -7.09
CA TYR B 100 10.07 17.82 -7.16
C TYR B 100 9.91 17.18 -5.79
N LEU B 101 8.93 16.28 -5.68
CA LEU B 101 8.69 15.52 -4.45
C LEU B 101 8.98 14.04 -4.62
N GLY B 102 9.43 13.61 -5.81
CA GLY B 102 9.64 12.20 -6.05
C GLY B 102 10.67 11.56 -5.15
N GLY B 103 11.55 12.35 -4.53
CA GLY B 103 12.50 11.81 -3.59
C GLY B 103 11.83 11.09 -2.42
N LEU B 104 10.64 11.54 -2.03
CA LEU B 104 9.88 10.80 -1.02
C LEU B 104 9.56 9.40 -1.50
N LEU B 105 9.19 9.27 -2.78
CA LEU B 105 8.87 7.95 -3.32
C LEU B 105 10.13 7.13 -3.54
N GLU B 106 11.22 7.77 -4.00
CA GLU B 106 12.46 7.03 -4.19
C GLU B 106 12.95 6.40 -2.89
N MET B 107 12.87 7.13 -1.78
CA MET B 107 13.34 6.57 -0.51
C MET B 107 12.37 5.55 0.05
N SER B 108 11.06 5.75 -0.14
CA SER B 108 10.10 4.72 0.24
C SER B 108 10.40 3.44 -0.52
N ASP B 109 10.68 3.54 -1.81
CA ASP B 109 11.02 2.37 -2.62
C ASP B 109 12.28 1.70 -2.08
N ALA B 110 13.32 2.50 -1.80
CA ALA B 110 14.63 1.96 -1.48
C ALA B 110 14.74 1.49 -0.04
N ARG B 111 13.87 1.94 0.86
CA ARG B 111 14.08 1.71 2.27
C ARG B 111 12.81 1.47 3.07
N MET B 112 11.79 2.34 2.91
CA MET B 112 10.65 2.26 3.82
CA MET B 112 10.63 2.28 3.80
C MET B 112 9.74 1.08 3.52
N TYR B 113 9.62 0.68 2.25
CA TYR B 113 8.78 -0.47 1.92
C TYR B 113 9.27 -1.72 2.65
N GLU B 114 10.57 -1.98 2.60
CA GLU B 114 11.09 -3.16 3.27
C GLU B 114 11.09 -3.00 4.78
N LEU B 115 11.29 -1.78 5.27
CA LEU B 115 11.22 -1.56 6.71
C LEU B 115 9.85 -1.91 7.26
N TRP B 116 8.80 -1.47 6.57
CA TRP B 116 7.44 -1.83 6.98
C TRP B 116 7.15 -3.32 6.81
N GLY B 117 7.92 -4.02 5.97
CA GLY B 117 7.82 -5.47 5.93
C GLY B 117 8.17 -6.13 7.25
N ARG B 118 8.85 -5.40 8.14
CA ARG B 118 9.21 -5.90 9.46
C ARG B 118 8.25 -5.45 10.54
N LEU B 119 7.04 -4.99 10.17
CA LEU B 119 6.09 -4.51 11.16
C LEU B 119 5.79 -5.56 12.22
N ASP B 120 5.60 -6.82 11.81
CA ASP B 120 5.28 -7.87 12.77
C ASP B 120 6.37 -7.99 13.84
N GLU B 121 7.64 -7.97 13.43
CA GLU B 121 8.73 -8.09 14.39
CA GLU B 121 8.71 -8.10 14.41
C GLU B 121 8.81 -6.86 15.28
N GLY B 122 8.57 -5.68 14.71
CA GLY B 122 8.52 -4.48 15.53
C GLY B 122 7.41 -4.54 16.56
N LEU B 123 6.22 -5.01 16.17
CA LEU B 123 5.12 -5.10 17.11
C LEU B 123 5.37 -6.14 18.20
N ARG B 124 6.04 -7.23 17.86
CA ARG B 124 6.28 -8.29 18.85
C ARG B 124 7.36 -7.93 19.84
N THR B 125 8.37 -7.16 19.41
CA THR B 125 9.55 -6.89 20.22
C THR B 125 9.58 -5.49 20.82
N GLY B 126 8.82 -4.55 20.25
CA GLY B 126 8.93 -3.17 20.65
C GLY B 126 10.21 -2.49 20.21
N ASN B 127 11.03 -3.15 19.40
CA ASN B 127 12.34 -2.64 19.02
C ASN B 127 12.34 -2.15 17.58
N PRO B 128 13.14 -1.13 17.27
CA PRO B 128 13.23 -0.65 15.90
C PRO B 128 13.78 -1.72 14.97
N GLN B 129 13.36 -1.64 13.71
CA GLN B 129 13.65 -2.68 12.73
C GLN B 129 14.52 -2.17 11.61
N ASN B 130 15.07 -0.95 11.73
CA ASN B 130 15.87 -0.34 10.69
C ASN B 130 17.34 -0.66 10.88
N GLU B 131 18.22 0.30 10.58
CA GLU B 131 19.65 0.09 10.72
C GLU B 131 20.08 -0.17 12.15
N ILE B 132 19.28 0.25 13.14
CA ILE B 132 19.60 -0.06 14.52
C ILE B 132 19.58 -1.57 14.74
N ARG B 133 18.61 -2.25 14.12
CA ARG B 133 18.55 -3.71 14.21
C ARG B 133 19.73 -4.35 13.50
N THR B 134 20.22 -3.75 12.42
CA THR B 134 21.36 -4.28 11.68
C THR B 134 22.69 -3.67 12.13
N GLY B 135 22.67 -2.78 13.13
CA GLY B 135 23.89 -2.25 13.71
C GLY B 135 24.60 -1.21 12.87
N GLU B 136 23.89 -0.50 12.01
CA GLU B 136 24.50 0.37 11.03
C GLU B 136 24.01 1.81 11.12
N ASP B 146 23.17 5.41 -2.09
CA ASP B 146 23.00 6.35 -3.20
C ASP B 146 22.91 7.78 -2.68
N PRO B 147 23.97 8.56 -2.89
CA PRO B 147 23.94 9.97 -2.43
C PRO B 147 22.93 10.82 -3.18
N ASP B 148 22.71 10.54 -4.47
CA ASP B 148 21.71 11.30 -5.22
C ASP B 148 20.30 11.00 -4.72
N ARG B 149 20.07 9.79 -4.22
CA ARG B 149 18.76 9.45 -3.66
C ARG B 149 18.54 10.12 -2.32
N LEU B 150 19.60 10.23 -1.51
CA LEU B 150 19.50 10.99 -0.27
C LEU B 150 19.18 12.46 -0.56
N ASP B 151 19.88 13.04 -1.54
CA ASP B 151 19.64 14.43 -1.90
C ASP B 151 18.21 14.65 -2.37
N ALA B 152 17.70 13.74 -3.21
CA ALA B 152 16.31 13.86 -3.67
C ALA B 152 15.34 13.73 -2.49
N PHE B 153 15.61 12.82 -1.56
CA PHE B 153 14.75 12.68 -0.38
C PHE B 153 14.77 13.97 0.44
N GLN B 154 15.95 14.56 0.64
CA GLN B 154 16.03 15.80 1.40
C GLN B 154 15.27 16.92 0.71
N GLN B 155 15.30 16.97 -0.63
CA GLN B 155 14.55 17.98 -1.34
C GLN B 155 13.06 17.84 -1.09
N ALA B 156 12.56 16.60 -1.06
CA ALA B 156 11.13 16.39 -0.80
C ALA B 156 10.78 16.80 0.63
N MET B 157 11.63 16.48 1.59
CA MET B 157 11.39 16.88 2.97
C MET B 157 11.41 18.40 3.11
N THR B 158 12.31 19.06 2.39
CA THR B 158 12.31 20.52 2.36
C THR B 158 11.00 21.05 1.77
N GLY B 159 10.45 20.35 0.78
CA GLY B 159 9.18 20.76 0.21
C GLY B 159 8.02 20.59 1.18
N LEU B 160 8.00 19.48 1.91
CA LEU B 160 6.96 19.30 2.93
C LEU B 160 7.12 20.31 4.05
N SER B 161 8.36 20.55 4.47
CA SER B 161 8.61 21.57 5.47
C SER B 161 8.10 22.93 5.00
N MET B 162 8.23 23.21 3.71
CA MET B 162 7.77 24.48 3.16
C MET B 162 6.25 24.62 3.29
N ARG B 163 5.52 23.52 3.11
CA ARG B 163 4.08 23.58 3.27
C ARG B 163 3.69 23.91 4.71
N SER B 164 4.37 23.28 5.68
CA SER B 164 4.15 23.63 7.08
C SER B 164 4.55 25.07 7.36
N ALA B 165 5.66 25.52 6.77
CA ALA B 165 6.13 26.87 6.99
C ALA B 165 5.15 27.91 6.46
N HIS B 166 4.59 27.68 5.28
CA HIS B 166 3.60 28.61 4.73
C HIS B 166 2.39 28.69 5.66
N ALA B 167 1.93 27.56 6.18
CA ALA B 167 0.80 27.56 7.09
C ALA B 167 1.16 28.24 8.41
N LEU B 168 2.35 27.94 8.95
CA LEU B 168 2.76 28.52 10.21
C LEU B 168 2.82 30.03 10.15
N ALA B 169 3.26 30.57 9.00
CA ALA B 169 3.40 32.01 8.86
C ALA B 169 2.05 32.72 8.92
N GLU B 170 0.97 32.04 8.54
CA GLU B 170 -0.36 32.63 8.55
C GLU B 170 -1.19 32.22 9.76
N ALA B 171 -0.83 31.12 10.43
CA ALA B 171 -1.67 30.57 11.50
C ALA B 171 -1.46 31.26 12.83
N ILE B 172 -0.39 32.02 12.99
CA ILE B 172 -0.06 32.70 14.24
C ILE B 172 0.12 34.18 13.93
N ASP B 173 -0.32 35.04 14.86
CA ASP B 173 -0.08 36.48 14.73
C ASP B 173 1.36 36.77 15.13
N TRP B 174 2.26 36.69 14.14
CA TRP B 174 3.68 36.88 14.40
C TRP B 174 4.05 38.33 14.70
N SER B 175 3.15 39.28 14.48
CA SER B 175 3.45 40.67 14.81
C SER B 175 3.61 40.89 16.31
N ALA B 176 3.13 39.97 17.14
CA ALA B 176 3.28 40.08 18.59
C ALA B 176 4.68 39.75 19.07
N TYR B 177 5.55 39.22 18.20
CA TYR B 177 6.85 38.73 18.62
C TYR B 177 7.93 39.37 17.75
N ARG B 178 9.10 39.52 18.33
CA ARG B 178 10.25 40.08 17.63
C ARG B 178 11.30 39.05 17.27
N THR B 179 11.41 37.97 18.03
CA THR B 179 12.46 36.97 17.84
C THR B 179 11.85 35.58 17.90
N VAL B 180 12.41 34.68 17.09
CA VAL B 180 11.99 33.29 17.08
C VAL B 180 13.21 32.41 17.00
N ALA B 181 13.16 31.26 17.69
CA ALA B 181 14.21 30.26 17.63
C ALA B 181 13.60 28.93 17.22
N ASP B 182 14.18 28.28 16.21
CA ASP B 182 13.71 26.98 15.75
C ASP B 182 14.68 25.93 16.29
N ILE B 183 14.16 25.04 17.13
CA ILE B 183 14.99 24.10 17.87
C ILE B 183 15.06 22.81 17.07
N GLY B 184 16.26 22.42 16.63
CA GLY B 184 16.40 21.33 15.69
C GLY B 184 16.00 21.76 14.28
N CYS B 185 16.52 22.91 13.85
CA CYS B 185 16.08 23.59 12.64
C CYS B 185 16.49 22.89 11.36
N ALA B 186 17.42 21.94 11.41
CA ALA B 186 17.97 21.29 10.21
C ALA B 186 18.44 22.38 9.25
N GLU B 187 18.14 22.31 7.96
CA GLU B 187 18.62 23.30 7.00
C GLU B 187 17.91 24.64 7.12
N GLY B 188 16.90 24.76 7.99
CA GLY B 188 16.31 26.05 8.30
C GLY B 188 15.19 26.49 7.39
N THR B 189 14.53 25.56 6.69
CA THR B 189 13.49 25.93 5.73
C THR B 189 12.36 26.70 6.40
N VAL B 190 11.88 26.21 7.55
CA VAL B 190 10.73 26.84 8.19
C VAL B 190 11.10 28.23 8.70
N LEU B 191 12.25 28.33 9.39
CA LEU B 191 12.67 29.62 9.92
C LEU B 191 12.86 30.64 8.80
N ILE B 192 13.54 30.23 7.71
CA ILE B 192 13.76 31.15 6.60
C ILE B 192 12.44 31.65 6.03
N HIS B 193 11.47 30.75 5.83
CA HIS B 193 10.21 31.19 5.26
C HIS B 193 9.46 32.12 6.22
N LEU B 194 9.45 31.80 7.52
CA LEU B 194 8.84 32.71 8.49
C LEU B 194 9.44 34.10 8.39
N LEU B 195 10.76 34.18 8.30
CA LEU B 195 11.42 35.48 8.26
C LEU B 195 11.14 36.20 6.95
N GLU B 196 11.09 35.47 5.83
CA GLU B 196 10.78 36.10 4.56
C GLU B 196 9.35 36.63 4.55
N ARG B 197 8.42 35.92 5.19
CA ARG B 197 7.03 36.36 5.24
C ARG B 197 6.80 37.49 6.23
N HIS B 198 7.65 37.61 7.25
CA HIS B 198 7.48 38.60 8.31
C HIS B 198 8.80 39.29 8.53
N PRO B 199 9.08 40.34 7.76
CA PRO B 199 10.42 40.97 7.81
C PRO B 199 10.79 41.57 9.15
N HIS B 200 9.84 41.77 10.06
CA HIS B 200 10.20 42.30 11.36
C HIS B 200 10.86 41.26 12.26
N LEU B 201 10.78 39.97 11.91
CA LEU B 201 11.29 38.91 12.77
C LEU B 201 12.80 38.75 12.60
N ARG B 202 13.46 38.45 13.72
CA ARG B 202 14.83 37.95 13.73
C ARG B 202 14.79 36.50 14.18
N GLY B 203 15.60 35.65 13.57
CA GLY B 203 15.54 34.22 13.81
C GLY B 203 16.87 33.61 14.18
N THR B 204 16.80 32.56 14.99
CA THR B 204 17.95 31.76 15.36
C THR B 204 17.64 30.30 15.12
N GLY B 205 18.43 29.65 14.26
CA GLY B 205 18.32 28.21 14.09
C GLY B 205 19.29 27.52 15.02
N PHE B 206 18.80 26.53 15.75
CA PHE B 206 19.59 25.81 16.74
C PHE B 206 19.65 24.34 16.33
N ASP B 207 20.86 23.82 16.15
CA ASP B 207 21.01 22.41 15.78
C ASP B 207 22.48 22.03 16.00
N LEU B 208 22.77 20.74 15.81
CA LEU B 208 24.13 20.24 15.94
C LEU B 208 25.05 20.92 14.94
N ALA B 209 26.33 21.01 15.28
CA ALA B 209 27.29 21.72 14.45
C ALA B 209 27.34 21.16 13.04
N ALA B 210 27.15 19.85 12.87
CA ALA B 210 27.21 19.24 11.54
C ALA B 210 26.17 19.80 10.59
N VAL B 211 25.07 20.35 11.13
CA VAL B 211 24.02 20.92 10.30
C VAL B 211 24.39 22.30 9.77
N ARG B 212 25.33 22.98 10.41
CA ARG B 212 25.69 24.36 10.05
C ARG B 212 25.87 24.59 8.56
N PRO B 213 26.66 23.80 7.81
CA PRO B 213 26.88 24.14 6.39
C PRO B 213 25.61 24.13 5.56
N SER B 214 24.74 23.14 5.74
CA SER B 214 23.50 23.10 4.98
C SER B 214 22.60 24.29 5.32
N PHE B 215 22.49 24.61 6.62
CA PHE B 215 21.71 25.77 7.04
C PHE B 215 22.27 27.05 6.44
N GLN B 216 23.60 27.23 6.50
CA GLN B 216 24.17 28.50 6.06
C GLN B 216 24.09 28.67 4.55
N ARG B 217 24.08 27.57 3.79
CA ARG B 217 23.87 27.68 2.35
C ARG B 217 22.48 28.23 2.06
N ARG B 218 21.45 27.70 2.73
CA ARG B 218 20.09 28.25 2.57
C ARG B 218 20.03 29.68 3.08
N HIS B 219 20.72 29.97 4.18
CA HIS B 219 20.80 31.34 4.68
C HIS B 219 21.38 32.27 3.62
N GLU B 220 22.47 31.86 2.98
CA GLU B 220 23.04 32.67 1.90
C GLU B 220 22.03 32.87 0.77
N GLU B 221 21.44 31.77 0.30
CA GLU B 221 20.48 31.86 -0.80
C GLU B 221 19.30 32.76 -0.45
N SER B 222 18.90 32.78 0.83
CA SER B 222 17.74 33.55 1.24
C SER B 222 17.99 35.06 1.22
N GLY B 223 19.24 35.48 1.35
CA GLY B 223 19.54 36.89 1.45
C GLY B 223 19.09 37.55 2.74
N LEU B 224 18.66 36.76 3.74
CA LEU B 224 18.18 37.34 4.99
C LEU B 224 19.27 38.08 5.74
N GLY B 225 20.54 37.76 5.48
CA GLY B 225 21.62 38.48 6.14
C GLY B 225 21.59 38.30 7.64
N ASP B 226 21.85 39.39 8.36
CA ASP B 226 21.96 39.35 9.81
C ASP B 226 20.64 39.09 10.51
N ARG B 227 19.51 39.08 9.79
CA ARG B 227 18.24 38.76 10.42
C ARG B 227 18.15 37.31 10.83
N LEU B 228 19.01 36.45 10.30
CA LEU B 228 19.02 35.03 10.61
C LEU B 228 20.39 34.62 11.13
N ALA B 229 20.41 33.80 12.16
CA ALA B 229 21.65 33.31 12.74
C ALA B 229 21.54 31.82 12.98
N PHE B 230 22.68 31.14 13.01
CA PHE B 230 22.75 29.74 13.38
C PHE B 230 23.52 29.61 14.68
N ARG B 231 23.00 28.79 15.58
CA ARG B 231 23.63 28.49 16.85
C ARG B 231 23.81 26.98 16.95
N ALA B 232 25.07 26.54 16.98
CA ALA B 232 25.35 25.14 17.17
C ALA B 232 25.13 24.75 18.63
N GLY B 233 24.53 23.58 18.84
CA GLY B 233 24.27 23.13 20.19
C GLY B 233 23.54 21.81 20.20
N ASP B 234 23.62 21.14 21.33
CA ASP B 234 22.94 19.88 21.60
C ASP B 234 21.82 20.19 22.58
N PHE B 235 20.56 20.10 22.13
CA PHE B 235 19.51 20.55 23.03
C PHE B 235 19.28 19.60 24.20
N PHE B 236 19.94 18.45 24.23
CA PHE B 236 19.89 17.59 25.40
C PHE B 236 21.03 17.84 26.38
N ALA B 237 21.90 18.83 26.11
CA ALA B 237 23.04 19.08 26.97
C ALA B 237 23.27 20.54 27.31
N GLU B 238 22.51 21.47 26.76
CA GLU B 238 22.75 22.89 27.01
C GLU B 238 21.44 23.64 26.92
N PRO B 239 21.39 24.87 27.42
CA PRO B 239 20.14 25.65 27.36
C PRO B 239 19.79 26.04 25.94
N LEU B 240 18.51 26.32 25.73
CA LEU B 240 18.04 26.77 24.44
C LEU B 240 18.23 28.27 24.30
N PRO B 241 18.30 28.77 23.07
CA PRO B 241 18.42 30.22 22.89
C PRO B 241 17.16 30.93 23.37
N GLN B 242 17.34 32.08 23.99
CA GLN B 242 16.19 32.91 24.33
C GLN B 242 15.61 33.55 23.09
N ALA B 243 14.28 33.55 23.01
CA ALA B 243 13.54 34.21 21.94
C ALA B 243 12.11 34.35 22.42
N ASP B 244 11.34 35.16 21.69
CA ASP B 244 9.93 35.34 22.04
C ASP B 244 9.12 34.11 21.69
N ALA B 245 9.55 33.32 20.71
CA ALA B 245 8.83 32.14 20.27
C ALA B 245 9.84 31.04 19.97
N LEU B 246 9.59 29.85 20.50
CA LEU B 246 10.40 28.67 20.23
C LEU B 246 9.58 27.66 19.44
N VAL B 247 10.17 27.08 18.40
CA VAL B 247 9.50 26.16 17.50
C VAL B 247 10.15 24.79 17.60
N PHE B 248 9.31 23.75 17.73
CA PHE B 248 9.72 22.35 17.80
C PHE B 248 8.96 21.59 16.71
N GLY B 249 9.59 21.44 15.54
CA GLY B 249 8.94 20.71 14.47
C GLY B 249 9.46 19.29 14.34
N HIS B 250 8.61 18.31 14.64
CA HIS B 250 8.98 16.90 14.58
C HIS B 250 10.23 16.63 15.42
N ILE B 251 10.24 17.18 16.62
CA ILE B 251 11.35 16.99 17.56
C ILE B 251 10.94 16.03 18.66
N LEU B 252 9.86 16.38 19.40
CA LEU B 252 9.54 15.63 20.61
C LEU B 252 9.21 14.17 20.31
N SER B 253 8.61 13.91 19.15
CA SER B 253 8.17 12.56 18.79
C SER B 253 9.33 11.58 18.61
N ASN B 254 10.56 12.06 18.45
CA ASN B 254 11.68 11.17 18.21
C ASN B 254 12.22 10.51 19.47
N TRP B 255 11.77 10.95 20.64
CA TRP B 255 12.40 10.60 21.90
C TRP B 255 11.36 10.05 22.86
N ALA B 256 11.82 9.28 23.84
CA ALA B 256 10.91 8.83 24.88
C ALA B 256 10.42 10.03 25.68
N LEU B 257 9.31 9.82 26.40
CA LEU B 257 8.62 10.94 27.03
C LEU B 257 9.45 11.72 28.04
N PRO B 258 10.27 11.12 28.92
CA PRO B 258 11.06 11.96 29.84
C PRO B 258 11.98 12.92 29.12
N LYS B 259 12.53 12.53 27.98
CA LYS B 259 13.40 13.43 27.23
C LYS B 259 12.61 14.58 26.61
N ALA B 260 11.42 14.29 26.07
CA ALA B 260 10.56 15.35 25.56
C ALA B 260 10.24 16.37 26.65
N LYS B 261 9.99 15.90 27.87
CA LYS B 261 9.64 16.82 28.94
C LYS B 261 10.80 17.71 29.34
N THR B 262 12.05 17.23 29.25
CA THR B 262 13.17 18.12 29.52
C THR B 262 13.24 19.25 28.50
N LEU B 263 12.81 18.99 27.26
CA LEU B 263 12.82 20.04 26.25
C LEU B 263 11.75 21.09 26.54
N LEU B 264 10.57 20.66 27.00
CA LEU B 264 9.54 21.62 27.36
C LEU B 264 9.96 22.47 28.56
N ARG B 265 10.70 21.88 29.51
CA ARG B 265 11.24 22.67 30.61
C ARG B 265 12.22 23.71 30.10
N LYS B 266 13.13 23.30 29.22
CA LYS B 266 14.09 24.23 28.63
C LYS B 266 13.39 25.31 27.84
N ALA B 267 12.31 24.96 27.12
CA ALA B 267 11.57 25.97 26.38
C ALA B 267 10.96 27.00 27.33
N HIS B 268 10.37 26.53 28.43
CA HIS B 268 9.81 27.45 29.41
C HIS B 268 10.89 28.37 29.98
N GLU B 269 12.10 27.84 30.20
CA GLU B 269 13.17 28.64 30.77
C GLU B 269 13.72 29.67 29.76
N ALA B 270 13.60 29.38 28.46
CA ALA B 270 14.15 30.27 27.44
C ALA B 270 13.20 31.39 27.06
N LEU B 271 11.93 31.26 27.35
CA LEU B 271 10.93 32.21 26.89
C LEU B 271 10.75 33.34 27.89
N PRO B 272 10.30 34.50 27.42
CA PRO B 272 9.88 35.56 28.31
C PRO B 272 8.40 35.39 28.68
N GLU B 273 7.95 36.23 29.61
CA GLU B 273 6.52 36.27 29.88
C GLU B 273 5.78 36.68 28.61
N GLY B 274 4.73 35.93 28.26
CA GLY B 274 4.00 36.17 27.04
C GLY B 274 4.58 35.51 25.81
N GLY B 275 5.78 34.92 25.91
CA GLY B 275 6.33 34.17 24.81
C GLY B 275 5.58 32.87 24.57
N ILE B 276 5.79 32.28 23.39
CA ILE B 276 5.05 31.08 23.03
C ILE B 276 6.01 29.97 22.65
N VAL B 277 5.56 28.73 22.85
CA VAL B 277 6.20 27.56 22.28
C VAL B 277 5.24 26.97 21.26
N VAL B 278 5.79 26.58 20.11
CA VAL B 278 5.00 26.04 19.01
C VAL B 278 5.56 24.66 18.70
N ILE B 279 4.75 23.63 18.92
CA ILE B 279 5.14 22.24 18.71
C ILE B 279 4.29 21.70 17.58
N TYR B 280 4.91 21.22 16.50
CA TYR B 280 4.08 20.65 15.45
C TYR B 280 4.57 19.26 15.07
N GLU B 281 3.59 18.41 14.73
CA GLU B 281 3.77 16.98 14.52
C GLU B 281 2.63 16.50 13.63
N THR B 282 2.74 15.26 13.17
CA THR B 282 1.61 14.54 12.59
CA THR B 282 1.57 14.58 12.59
C THR B 282 0.76 13.99 13.74
N LEU B 283 0.13 14.89 14.47
CA LEU B 283 -0.58 14.51 15.70
C LEU B 283 -1.73 13.55 15.40
N ILE B 284 -1.92 12.60 16.32
CA ILE B 284 -3.12 11.78 16.34
C ILE B 284 -4.26 12.63 16.91
N ASP B 285 -5.48 12.42 16.42
CA ASP B 285 -6.62 13.11 17.02
C ASP B 285 -6.78 12.68 18.47
N ASP B 286 -7.35 13.57 19.28
CA ASP B 286 -7.42 13.32 20.72
C ASP B 286 -8.16 12.03 21.07
N GLU B 287 -9.16 11.64 20.28
CA GLU B 287 -9.89 10.41 20.55
C GLU B 287 -9.21 9.16 20.01
N ARG B 288 -8.09 9.32 19.31
CA ARG B 288 -7.35 8.19 18.74
C ARG B 288 -8.26 7.28 17.92
N ARG B 289 -9.13 7.87 17.11
CA ARG B 289 -9.97 7.06 16.25
C ARG B 289 -10.14 7.60 14.84
N GLU B 290 -9.49 8.71 14.48
CA GLU B 290 -9.74 9.33 13.19
C GLU B 290 -8.50 9.47 12.32
N ASN B 291 -7.35 9.82 12.90
CA ASN B 291 -6.23 10.35 12.12
C ASN B 291 -5.32 9.20 11.69
N VAL B 292 -5.56 8.68 10.48
CA VAL B 292 -4.74 7.57 9.97
C VAL B 292 -3.27 7.96 9.81
N PRO B 293 -2.92 9.12 9.21
CA PRO B 293 -1.49 9.44 9.07
C PRO B 293 -0.77 9.53 10.41
N GLY B 294 -1.41 10.13 11.42
CA GLY B 294 -0.77 10.23 12.72
C GLY B 294 -0.55 8.87 13.37
N LEU B 295 -1.53 7.97 13.24
CA LEU B 295 -1.38 6.65 13.82
C LEU B 295 -0.33 5.84 13.06
N LEU B 296 -0.34 5.93 11.72
CA LEU B 296 0.71 5.29 10.95
C LEU B 296 2.08 5.85 11.33
N MET B 297 2.15 7.16 11.61
CA MET B 297 3.42 7.74 12.02
C MET B 297 3.89 7.17 13.35
N SER B 298 2.98 6.83 14.26
CA SER B 298 3.41 6.21 15.50
CA SER B 298 3.39 6.19 15.51
C SER B 298 4.06 4.86 15.24
N LEU B 299 3.58 4.13 14.23
CA LEU B 299 4.21 2.87 13.87
C LEU B 299 5.53 3.10 13.16
N THR B 300 5.63 4.16 12.36
CA THR B 300 6.91 4.55 11.80
C THR B 300 7.93 4.83 12.91
N MET B 301 7.50 5.50 13.98
CA MET B 301 8.39 5.78 15.08
C MET B 301 8.84 4.50 15.78
N LEU B 302 7.95 3.50 15.87
CA LEU B 302 8.35 2.19 16.37
C LEU B 302 9.46 1.59 15.52
N LEU B 303 9.28 1.64 14.20
CA LEU B 303 10.22 0.98 13.31
C LEU B 303 11.55 1.73 13.21
N GLU B 304 11.55 3.04 13.47
CA GLU B 304 12.73 3.86 13.23
C GLU B 304 13.52 4.23 14.48
N THR B 305 12.91 4.21 15.66
CA THR B 305 13.55 4.76 16.85
C THR B 305 13.43 3.81 18.03
N PRO B 306 14.33 3.92 19.01
CA PRO B 306 14.20 3.08 20.21
C PRO B 306 13.05 3.50 21.11
N GLY B 307 12.71 4.79 21.19
CA GLY B 307 11.69 5.23 22.13
C GLY B 307 10.74 6.28 21.63
N GLY B 308 10.83 6.63 20.34
CA GLY B 308 9.95 7.64 19.80
C GLY B 308 8.52 7.16 19.71
N PHE B 309 7.61 8.12 19.56
CA PHE B 309 6.18 7.84 19.56
C PHE B 309 5.44 9.05 19.01
N GLU B 310 4.28 8.80 18.42
CA GLU B 310 3.39 9.88 18.05
C GLU B 310 2.37 10.07 19.16
N TYR B 311 1.86 11.29 19.31
CA TYR B 311 0.99 11.61 20.42
C TYR B 311 -0.16 12.50 19.95
N THR B 312 -1.07 12.80 20.87
CA THR B 312 -2.21 13.66 20.59
C THR B 312 -1.94 15.07 21.12
N GLY B 313 -2.70 16.03 20.59
CA GLY B 313 -2.67 17.37 21.15
C GLY B 313 -3.01 17.38 22.63
N ALA B 314 -3.99 16.57 23.03
CA ALA B 314 -4.38 16.51 24.44
C ALA B 314 -3.23 16.02 25.32
N ASP B 315 -2.50 14.99 24.86
CA ASP B 315 -1.29 14.55 25.57
C ASP B 315 -0.34 15.72 25.79
N CYS B 316 -0.03 16.43 24.72
CA CYS B 316 0.95 17.50 24.78
C CYS B 316 0.48 18.63 25.68
N ARG B 317 -0.81 18.94 25.66
CA ARG B 317 -1.32 19.97 26.57
C ARG B 317 -1.06 19.60 28.03
N GLU B 318 -1.18 18.31 28.36
CA GLU B 318 -0.86 17.86 29.72
C GLU B 318 0.60 18.11 30.05
N TRP B 319 1.52 17.71 29.15
CA TRP B 319 2.94 17.94 29.41
C TRP B 319 3.24 19.43 29.57
N LEU B 320 2.64 20.26 28.71
CA LEU B 320 2.88 21.70 28.78
C LEU B 320 2.35 22.29 30.08
N ALA B 321 1.22 21.76 30.58
CA ALA B 321 0.72 22.18 31.87
C ALA B 321 1.71 21.83 32.98
N ASP B 322 2.21 20.59 32.97
CA ASP B 322 3.21 20.18 33.95
C ASP B 322 4.45 21.06 33.90
N ALA B 323 4.81 21.55 32.71
CA ALA B 323 5.99 22.39 32.54
C ALA B 323 5.75 23.84 32.94
N GLY B 324 4.54 24.19 33.36
CA GLY B 324 4.26 25.52 33.88
C GLY B 324 3.67 26.51 32.90
N PHE B 325 3.40 26.10 31.66
CA PHE B 325 2.85 27.03 30.69
C PHE B 325 1.45 27.45 31.10
N ARG B 326 1.18 28.75 30.96
CA ARG B 326 -0.07 29.31 31.47
C ARG B 326 -1.28 28.74 30.75
N GLU B 327 -1.18 28.57 29.44
CA GLU B 327 -2.31 28.11 28.64
C GLU B 327 -1.79 27.43 27.38
N SER B 328 -2.68 26.69 26.71
CA SER B 328 -2.31 26.01 25.48
C SER B 328 -3.55 25.73 24.64
N ARG B 329 -3.32 25.44 23.36
CA ARG B 329 -4.38 25.07 22.44
C ARG B 329 -3.80 24.20 21.33
N VAL B 330 -4.68 23.40 20.71
CA VAL B 330 -4.33 22.58 19.57
C VAL B 330 -4.94 23.23 18.33
N GLN B 331 -4.18 23.24 17.23
CA GLN B 331 -4.59 23.91 16.02
C GLN B 331 -4.12 23.13 14.81
N TYR B 332 -5.00 22.97 13.83
CA TYR B 332 -4.59 22.37 12.57
C TYR B 332 -3.57 23.26 11.88
N LEU B 333 -2.61 22.63 11.20
CA LEU B 333 -1.61 23.41 10.47
C LEU B 333 -1.83 23.25 8.98
N ALA B 334 -1.42 22.11 8.41
CA ALA B 334 -1.57 21.86 6.98
C ALA B 334 -1.22 20.41 6.71
N GLY B 335 -1.84 19.83 5.68
CA GLY B 335 -1.65 18.44 5.36
C GLY B 335 -1.93 17.56 6.55
N PRO B 336 -1.01 16.64 6.86
CA PRO B 336 -1.19 15.79 8.03
C PRO B 336 -0.73 16.42 9.33
N GLU B 337 -0.22 17.66 9.29
CA GLU B 337 0.43 18.28 10.43
C GLU B 337 -0.55 19.13 11.25
N SER B 338 -0.39 19.10 12.57
CA SER B 338 -1.10 19.97 13.49
C SER B 338 -0.09 20.47 14.52
N MET B 339 -0.51 21.44 15.32
CA MET B 339 0.42 22.01 16.29
C MET B 339 -0.26 22.23 17.62
N VAL B 340 0.58 22.30 18.66
CA VAL B 340 0.17 22.72 19.98
C VAL B 340 0.93 24.00 20.30
N ILE B 341 0.21 25.04 20.71
CA ILE B 341 0.79 26.33 21.02
C ILE B 341 0.52 26.63 22.48
N ALA B 342 1.56 26.99 23.23
CA ALA B 342 1.40 27.31 24.64
C ALA B 342 2.09 28.64 24.93
N THR B 343 1.53 29.36 25.90
CA THR B 343 2.04 30.67 26.30
C THR B 343 2.64 30.59 27.69
N LYS B 344 3.83 31.15 27.87
CA LYS B 344 4.43 31.25 29.19
C LYS B 344 3.78 32.39 29.97
S SO4 C . -12.84 5.13 24.19
O1 SO4 C . -12.29 5.36 25.52
O2 SO4 C . -14.30 5.22 24.26
O3 SO4 C . -12.44 3.81 23.70
O4 SO4 C . -12.33 6.15 23.28
S SO4 D . -21.77 -7.73 -20.30
O1 SO4 D . -22.54 -6.60 -19.78
O2 SO4 D . -22.53 -8.43 -21.32
O3 SO4 D . -21.49 -8.65 -19.19
O4 SO4 D . -20.51 -7.24 -20.88
C1 EDO E . -12.87 -6.67 -18.10
O1 EDO E . -13.51 -5.41 -17.82
C2 EDO E . -13.79 -7.53 -18.95
O2 EDO E . -14.04 -6.87 -20.19
S SO4 F . -4.84 4.52 -27.06
O1 SO4 F . -5.33 5.84 -27.48
O2 SO4 F . -5.65 4.06 -25.94
O3 SO4 F . -4.91 3.58 -28.16
O4 SO4 F . -3.43 4.64 -26.66
CL CL G . 5.54 1.29 -29.33
C1 EDO H . -0.06 32.79 19.78
O1 EDO H . -1.01 32.48 18.75
C2 EDO H . -0.80 33.26 21.02
O2 EDO H . -1.67 32.22 21.48
C1 EDO I . -8.20 17.27 17.64
O1 EDO I . -8.48 16.04 18.33
C2 EDO I . -7.52 18.29 18.55
O2 EDO I . -8.25 18.46 19.77
C1 EDO J . -9.62 11.44 25.07
O1 EDO J . -9.31 11.30 26.47
C2 EDO J . -9.67 12.92 24.71
O2 EDO J . -8.49 13.56 25.19
C1 EDO K . 16.15 37.24 23.87
O1 EDO K . 15.20 38.00 24.61
C2 EDO K . 16.23 37.81 22.46
O2 EDO K . 14.91 38.18 22.04
#